data_1U9H
# 
_entry.id   1U9H 
# 
_audit_conform.dict_name       mmcif_pdbx.dic 
_audit_conform.dict_version    5.403 
_audit_conform.dict_location   http://mmcif.pdb.org/dictionaries/ascii/mmcif_pdbx.dic 
# 
loop_
_database_2.database_id 
_database_2.database_code 
_database_2.pdbx_database_accession 
_database_2.pdbx_DOI 
PDB   1U9H         pdb_00001u9h 10.2210/pdb1u9h/pdb 
RCSB  RCSB023411   ?            ?                   
WWPDB D_1000023411 ?            ?                   
# 
loop_
_pdbx_audit_revision_history.ordinal 
_pdbx_audit_revision_history.data_content_type 
_pdbx_audit_revision_history.major_revision 
_pdbx_audit_revision_history.minor_revision 
_pdbx_audit_revision_history.revision_date 
_pdbx_audit_revision_history.part_number 
1 'Structure model' 1 0 2004-11-30 ? 
2 'Structure model' 1 1 2008-04-30 ? 
3 'Structure model' 1 2 2011-07-13 ? 
4 'Structure model' 1 3 2025-03-26 ? 
# 
_pdbx_audit_revision_details.ordinal             1 
_pdbx_audit_revision_details.revision_ordinal    1 
_pdbx_audit_revision_details.data_content_type   'Structure model' 
_pdbx_audit_revision_details.provider            repository 
_pdbx_audit_revision_details.type                'Initial release' 
_pdbx_audit_revision_details.description         ? 
_pdbx_audit_revision_details.details             ? 
# 
loop_
_pdbx_audit_revision_group.ordinal 
_pdbx_audit_revision_group.revision_ordinal 
_pdbx_audit_revision_group.data_content_type 
_pdbx_audit_revision_group.group 
1 2 'Structure model' 'Version format compliance' 
2 3 'Structure model' 'Derived calculations'      
3 3 'Structure model' 'Version format compliance' 
4 4 'Structure model' 'Data collection'           
5 4 'Structure model' 'Database references'       
6 4 'Structure model' 'Derived calculations'      
7 4 'Structure model' 'Structure summary'         
# 
loop_
_pdbx_audit_revision_category.ordinal 
_pdbx_audit_revision_category.revision_ordinal 
_pdbx_audit_revision_category.data_content_type 
_pdbx_audit_revision_category.category 
1 4 'Structure model' chem_comp_atom            
2 4 'Structure model' chem_comp_bond            
3 4 'Structure model' database_2                
4 4 'Structure model' pdbx_entry_details        
5 4 'Structure model' pdbx_modification_feature 
6 4 'Structure model' struct_conn               
# 
loop_
_pdbx_audit_revision_item.ordinal 
_pdbx_audit_revision_item.revision_ordinal 
_pdbx_audit_revision_item.data_content_type 
_pdbx_audit_revision_item.item 
1  4 'Structure model' '_database_2.pdbx_DOI'                
2  4 'Structure model' '_database_2.pdbx_database_accession' 
3  4 'Structure model' '_struct_conn.pdbx_dist_value'        
4  4 'Structure model' '_struct_conn.pdbx_leaving_atom_flag' 
5  4 'Structure model' '_struct_conn.ptnr1_auth_asym_id'     
6  4 'Structure model' '_struct_conn.ptnr1_auth_comp_id'     
7  4 'Structure model' '_struct_conn.ptnr1_auth_seq_id'      
8  4 'Structure model' '_struct_conn.ptnr1_label_asym_id'    
9  4 'Structure model' '_struct_conn.ptnr1_label_comp_id'    
10 4 'Structure model' '_struct_conn.ptnr1_label_seq_id'     
11 4 'Structure model' '_struct_conn.ptnr2_auth_asym_id'     
12 4 'Structure model' '_struct_conn.ptnr2_auth_comp_id'     
13 4 'Structure model' '_struct_conn.ptnr2_auth_seq_id'      
14 4 'Structure model' '_struct_conn.ptnr2_label_asym_id'    
15 4 'Structure model' '_struct_conn.ptnr2_label_comp_id'    
16 4 'Structure model' '_struct_conn.ptnr2_label_seq_id'     
# 
_pdbx_database_status.status_code                     REL 
_pdbx_database_status.entry_id                        1U9H 
_pdbx_database_status.recvd_initial_deposition_date   2004-08-09 
_pdbx_database_status.deposit_site                    RCSB 
_pdbx_database_status.process_site                    RCSB 
_pdbx_database_status.status_code_sf                  REL 
_pdbx_database_status.SG_entry                        . 
_pdbx_database_status.status_code_mr                  ? 
_pdbx_database_status.status_code_cs                  ? 
_pdbx_database_status.pdb_format_compatible           Y 
_pdbx_database_status.status_code_nmr_data            ? 
_pdbx_database_status.methods_development_category    ? 
# 
loop_
_pdbx_database_related.db_name 
_pdbx_database_related.db_id 
_pdbx_database_related.details 
_pdbx_database_related.content_type 
PDB 1U9F . unspecified 
PDB 1U9G . unspecified 
# 
loop_
_audit_author.name 
_audit_author.pdbx_ordinal 
'Horne, W.S.'   1 
'Yadav, M.K.'   2 
'Stout, C.D.'   3 
'Ghadiri, M.R.' 4 
# 
_citation.id                        primary 
_citation.title                     'Heterocyclic peptide backbone modifications in an alpha-helical coiled coil.' 
_citation.journal_abbrev            J.Am.Chem.Soc. 
_citation.journal_volume            126 
_citation.page_first                15366 
_citation.page_last                 15367 
_citation.year                      2004 
_citation.journal_id_ASTM           JACSAT 
_citation.country                   US 
_citation.journal_id_ISSN           0002-7863 
_citation.journal_id_CSD            0004 
_citation.book_publisher            ? 
_citation.pdbx_database_id_PubMed   15563148 
_citation.pdbx_database_id_DOI      10.1021/ja0450408 
# 
loop_
_citation_author.citation_id 
_citation_author.name 
_citation_author.ordinal 
_citation_author.identifier_ORCID 
primary 'Horne, W.S.'   1 ? 
primary 'Yadav, M.K.'   2 ? 
primary 'Stout, C.D.'   3 ? 
primary 'Ghadiri, M.R.' 4 ? 
# 
loop_
_entity.id 
_entity.type 
_entity.src_method 
_entity.pdbx_description 
_entity.formula_weight 
_entity.pdbx_number_of_molecules 
_entity.pdbx_ec 
_entity.pdbx_mutation 
_entity.pdbx_fragment 
_entity.details 
1 polymer syn 'General control protein GCN4' 4024.800 2  ? '(TA4)22E,A23L' ? ? 
2 water   nat water                          18.015   45 ? ?               ? ? 
# 
_entity_name_com.entity_id   1 
_entity_name_com.name        'Amino acid biosynthesis regulatory protein' 
# 
_entity_poly.entity_id                      1 
_entity_poly.type                           'polypeptide(L)' 
_entity_poly.nstd_linkage                   no 
_entity_poly.nstd_monomer                   yes 
_entity_poly.pdbx_seq_one_letter_code       '(ACE)RMKQIEDKLEEILSKLYHIEN(TA4)ARIKKLLGER' 
_entity_poly.pdbx_seq_one_letter_code_can   XRMKQIEDKLEEILSKLYHIENXARIKKLLGER 
_entity_poly.pdbx_strand_id                 A,B 
_entity_poly.pdbx_target_identifier         ? 
# 
_pdbx_entity_nonpoly.entity_id   2 
_pdbx_entity_nonpoly.name        water 
_pdbx_entity_nonpoly.comp_id     HOH 
# 
loop_
_entity_poly_seq.entity_id 
_entity_poly_seq.num 
_entity_poly_seq.mon_id 
_entity_poly_seq.hetero 
1 1  ACE n 
1 2  ARG n 
1 3  MET n 
1 4  LYS n 
1 5  GLN n 
1 6  ILE n 
1 7  GLU n 
1 8  ASP n 
1 9  LYS n 
1 10 LEU n 
1 11 GLU n 
1 12 GLU n 
1 13 ILE n 
1 14 LEU n 
1 15 SER n 
1 16 LYS n 
1 17 LEU n 
1 18 TYR n 
1 19 HIS n 
1 20 ILE n 
1 21 GLU n 
1 22 ASN n 
1 23 TA4 n 
1 24 ALA n 
1 25 ARG n 
1 26 ILE n 
1 27 LYS n 
1 28 LYS n 
1 29 LEU n 
1 30 LEU n 
1 31 GLY n 
1 32 GLU n 
1 33 ARG n 
# 
_pdbx_entity_src_syn.entity_id              1 
_pdbx_entity_src_syn.pdbx_src_id            1 
_pdbx_entity_src_syn.pdbx_alt_source_flag   sample 
_pdbx_entity_src_syn.pdbx_beg_seq_num       ? 
_pdbx_entity_src_syn.pdbx_end_seq_num       ? 
_pdbx_entity_src_syn.organism_scientific    ? 
_pdbx_entity_src_syn.organism_common_name   ? 
_pdbx_entity_src_syn.ncbi_taxonomy_id       ? 
_pdbx_entity_src_syn.details                
;Prepared by Fmoc solid phase peptide synthesis. The sequence of this protein can be found naturally in Saccharomyces cerevisiae (Baker's yeast).
;
# 
loop_
_chem_comp.id 
_chem_comp.type 
_chem_comp.mon_nstd_flag 
_chem_comp.name 
_chem_comp.pdbx_synonyms 
_chem_comp.formula 
_chem_comp.formula_weight 
ACE non-polymer         . 'ACETYL GROUP'                                                         ? 'C2 H4 O'        44.053  
ALA 'L-peptide linking' y ALANINE                                                                ? 'C3 H7 N O2'     89.093  
ARG 'L-peptide linking' y ARGININE                                                               ? 'C6 H15 N4 O2 1' 175.209 
ASN 'L-peptide linking' y ASPARAGINE                                                             ? 'C4 H8 N2 O3'    132.118 
ASP 'L-peptide linking' y 'ASPARTIC ACID'                                                        ? 'C4 H7 N O4'     133.103 
GLN 'L-peptide linking' y GLUTAMINE                                                              ? 'C5 H10 N2 O3'   146.144 
GLU 'L-peptide linking' y 'GLUTAMIC ACID'                                                        ? 'C5 H9 N O4'     147.129 
GLY 'peptide linking'   y GLYCINE                                                                ? 'C2 H5 N O2'     75.067  
HIS 'L-peptide linking' y HISTIDINE                                                              ? 'C6 H10 N3 O2 1' 156.162 
HOH non-polymer         . WATER                                                                  ? 'H2 O'           18.015  
ILE 'L-peptide linking' y ISOLEUCINE                                                             ? 'C6 H13 N O2'    131.173 
LEU 'L-peptide linking' y LEUCINE                                                                ? 'C6 H13 N O2'    131.173 
LYS 'L-peptide linking' y LYSINE                                                                 ? 'C6 H15 N2 O2 1' 147.195 
MET 'L-peptide linking' y METHIONINE                                                             ? 'C5 H11 N O2 S'  149.211 
SER 'L-peptide linking' y SERINE                                                                 ? 'C3 H7 N O3'     105.093 
TA4 'L-peptide linking' . '(S)-2-[4-(AMINOMETHYL)-1H-1,2,3-TRIAZOL-1-YL]-4-METHYLPENTANOIC ACID' ? 'C9 H16 N4 O2'   212.249 
TYR 'L-peptide linking' y TYROSINE                                                               ? 'C9 H11 N O3'    181.189 
# 
loop_
_pdbx_poly_seq_scheme.asym_id 
_pdbx_poly_seq_scheme.entity_id 
_pdbx_poly_seq_scheme.seq_id 
_pdbx_poly_seq_scheme.mon_id 
_pdbx_poly_seq_scheme.ndb_seq_num 
_pdbx_poly_seq_scheme.pdb_seq_num 
_pdbx_poly_seq_scheme.auth_seq_num 
_pdbx_poly_seq_scheme.pdb_mon_id 
_pdbx_poly_seq_scheme.auth_mon_id 
_pdbx_poly_seq_scheme.pdb_strand_id 
_pdbx_poly_seq_scheme.pdb_ins_code 
_pdbx_poly_seq_scheme.hetero 
A 1 1  ACE 1  0  0  ACE ACE A . n 
A 1 2  ARG 2  1  1  ARG ARG A . n 
A 1 3  MET 3  2  2  MET MET A . n 
A 1 4  LYS 4  3  3  LYS LYS A . n 
A 1 5  GLN 5  4  4  GLN GLN A . n 
A 1 6  ILE 6  5  5  ILE ILE A . n 
A 1 7  GLU 7  6  6  GLU GLU A . n 
A 1 8  ASP 8  7  7  ASP ASP A . n 
A 1 9  LYS 9  8  8  LYS LYS A . n 
A 1 10 LEU 10 9  9  LEU LEU A . n 
A 1 11 GLU 11 10 10 GLU GLU A . n 
A 1 12 GLU 12 11 11 GLU GLU A . n 
A 1 13 ILE 13 12 12 ILE ILE A . n 
A 1 14 LEU 14 13 13 LEU LEU A . n 
A 1 15 SER 15 14 14 SER SER A . n 
A 1 16 LYS 16 15 15 LYS LYS A . n 
A 1 17 LEU 17 16 16 LEU LEU A . n 
A 1 18 TYR 18 17 17 TYR TYR A . n 
A 1 19 HIS 19 18 18 HIS HIS A . n 
A 1 20 ILE 20 19 19 ILE ILE A . n 
A 1 21 GLU 21 20 20 GLU GLU A . n 
A 1 22 ASN 22 21 21 ASN ASN A . n 
A 1 23 TA4 23 22 22 TA4 TRL A . n 
A 1 24 ALA 24 23 23 ALA ALA A . n 
A 1 25 ARG 25 24 24 ARG ARG A . n 
A 1 26 ILE 26 25 25 ILE ILE A . n 
A 1 27 LYS 27 26 26 LYS LYS A . n 
A 1 28 LYS 28 27 27 LYS LYS A . n 
A 1 29 LEU 29 28 28 LEU LEU A . n 
A 1 30 LEU 30 29 29 LEU LEU A . n 
A 1 31 GLY 31 30 30 GLY GLY A . n 
A 1 32 GLU 32 31 31 GLU GLU A . n 
A 1 33 ARG 33 32 ?  ?   ?   A . n 
B 1 1  ACE 1  0  0  ACE ACE B . n 
B 1 2  ARG 2  1  1  ARG ARG B . n 
B 1 3  MET 3  2  2  MET MET B . n 
B 1 4  LYS 4  3  3  LYS LYS B . n 
B 1 5  GLN 5  4  4  GLN GLN B . n 
B 1 6  ILE 6  5  5  ILE ILE B . n 
B 1 7  GLU 7  6  6  GLU GLU B . n 
B 1 8  ASP 8  7  7  ASP ASP B . n 
B 1 9  LYS 9  8  8  LYS LYS B . n 
B 1 10 LEU 10 9  9  LEU LEU B . n 
B 1 11 GLU 11 10 10 GLU GLU B . n 
B 1 12 GLU 12 11 11 GLU GLU B . n 
B 1 13 ILE 13 12 12 ILE ILE B . n 
B 1 14 LEU 14 13 13 LEU LEU B . n 
B 1 15 SER 15 14 14 SER SER B . n 
B 1 16 LYS 16 15 15 LYS LYS B . n 
B 1 17 LEU 17 16 16 LEU LEU B . n 
B 1 18 TYR 18 17 17 TYR TYR B . n 
B 1 19 HIS 19 18 18 HIS HIS B . n 
B 1 20 ILE 20 19 19 ILE ILE B . n 
B 1 21 GLU 21 20 20 GLU GLU B . n 
B 1 22 ASN 22 21 21 ASN ASN B . n 
B 1 23 TA4 23 22 22 TA4 TRL B . n 
B 1 24 ALA 24 23 23 ALA ALA B . n 
B 1 25 ARG 25 24 24 ARG ARG B . n 
B 1 26 ILE 26 25 25 ILE ILE B . n 
B 1 27 LYS 27 26 26 LYS LYS B . n 
B 1 28 LYS 28 27 27 LYS LYS B . n 
B 1 29 LEU 29 28 28 LEU LEU B . n 
B 1 30 LEU 30 29 29 LEU LEU B . n 
B 1 31 GLY 31 30 ?  ?   ?   B . n 
B 1 32 GLU 32 31 ?  ?   ?   B . n 
B 1 33 ARG 33 32 ?  ?   ?   B . n 
# 
loop_
_pdbx_nonpoly_scheme.asym_id 
_pdbx_nonpoly_scheme.entity_id 
_pdbx_nonpoly_scheme.mon_id 
_pdbx_nonpoly_scheme.ndb_seq_num 
_pdbx_nonpoly_scheme.pdb_seq_num 
_pdbx_nonpoly_scheme.auth_seq_num 
_pdbx_nonpoly_scheme.pdb_mon_id 
_pdbx_nonpoly_scheme.auth_mon_id 
_pdbx_nonpoly_scheme.pdb_strand_id 
_pdbx_nonpoly_scheme.pdb_ins_code 
C 2 HOH 1  33 1  HOH HOH A . 
C 2 HOH 2  34 3  HOH HOH A . 
C 2 HOH 3  35 4  HOH HOH A . 
C 2 HOH 4  36 6  HOH HOH A . 
C 2 HOH 5  37 7  HOH HOH A . 
C 2 HOH 6  38 8  HOH HOH A . 
C 2 HOH 7  39 10 HOH HOH A . 
C 2 HOH 8  40 11 HOH HOH A . 
C 2 HOH 9  41 15 HOH HOH A . 
C 2 HOH 10 42 16 HOH HOH A . 
C 2 HOH 11 43 17 HOH HOH A . 
C 2 HOH 12 44 21 HOH HOH A . 
C 2 HOH 13 45 22 HOH HOH A . 
C 2 HOH 14 46 23 HOH HOH A . 
C 2 HOH 15 47 24 HOH HOH A . 
C 2 HOH 16 48 29 HOH HOH A . 
C 2 HOH 17 49 30 HOH HOH A . 
C 2 HOH 18 50 32 HOH HOH A . 
C 2 HOH 19 51 33 HOH HOH A . 
C 2 HOH 20 52 36 HOH HOH A . 
C 2 HOH 21 53 37 HOH HOH A . 
C 2 HOH 22 54 40 HOH HOH A . 
C 2 HOH 23 55 42 HOH HOH A . 
C 2 HOH 24 56 43 HOH HOH A . 
C 2 HOH 25 57 44 HOH HOH A . 
C 2 HOH 26 58 45 HOH HOH A . 
C 2 HOH 27 59 47 HOH HOH A . 
D 2 HOH 1  33 5  HOH HOH B . 
D 2 HOH 2  34 9  HOH HOH B . 
D 2 HOH 3  35 12 HOH HOH B . 
D 2 HOH 4  36 13 HOH HOH B . 
D 2 HOH 5  37 14 HOH HOH B . 
D 2 HOH 6  38 19 HOH HOH B . 
D 2 HOH 7  39 20 HOH HOH B . 
D 2 HOH 8  40 25 HOH HOH B . 
D 2 HOH 9  41 26 HOH HOH B . 
D 2 HOH 10 42 27 HOH HOH B . 
D 2 HOH 11 43 28 HOH HOH B . 
D 2 HOH 12 44 31 HOH HOH B . 
D 2 HOH 13 45 34 HOH HOH B . 
D 2 HOH 14 46 35 HOH HOH B . 
D 2 HOH 15 47 38 HOH HOH B . 
D 2 HOH 16 48 39 HOH HOH B . 
D 2 HOH 17 49 41 HOH HOH B . 
D 2 HOH 18 50 46 HOH HOH B . 
# 
loop_
_pdbx_unobs_or_zero_occ_atoms.id 
_pdbx_unobs_or_zero_occ_atoms.PDB_model_num 
_pdbx_unobs_or_zero_occ_atoms.polymer_flag 
_pdbx_unobs_or_zero_occ_atoms.occupancy_flag 
_pdbx_unobs_or_zero_occ_atoms.auth_asym_id 
_pdbx_unobs_or_zero_occ_atoms.auth_comp_id 
_pdbx_unobs_or_zero_occ_atoms.auth_seq_id 
_pdbx_unobs_or_zero_occ_atoms.PDB_ins_code 
_pdbx_unobs_or_zero_occ_atoms.auth_atom_id 
_pdbx_unobs_or_zero_occ_atoms.label_alt_id 
_pdbx_unobs_or_zero_occ_atoms.label_asym_id 
_pdbx_unobs_or_zero_occ_atoms.label_comp_id 
_pdbx_unobs_or_zero_occ_atoms.label_seq_id 
_pdbx_unobs_or_zero_occ_atoms.label_atom_id 
1 1 Y 1 A LYS 3 ? CE ? A LYS 4 CE 
2 1 Y 1 A LYS 3 ? NZ ? A LYS 4 NZ 
# 
loop_
_software.name 
_software.classification 
_software.version 
_software.citation_id 
_software.pdbx_ordinal 
REFMAC       refinement       5.2.0003       ? 1 
CrystalClear 'data reduction' '(MSC/RIGAKU)' ? 2 
CrystalClear 'data scaling'   '(MSC/RIGAKU)' ? 3 
PHASER       phasing          .              ? 4 
# 
_cell.entry_id           1U9H 
_cell.length_a           45.404 
_cell.length_b           45.404 
_cell.length_c           90.923 
_cell.angle_alpha        90.00 
_cell.angle_beta         90.00 
_cell.angle_gamma        90.00 
_cell.Z_PDB              16 
_cell.pdbx_unique_axis   ? 
_cell.length_a_esd       ? 
_cell.length_b_esd       ? 
_cell.length_c_esd       ? 
_cell.angle_alpha_esd    ? 
_cell.angle_beta_esd     ? 
_cell.angle_gamma_esd    ? 
# 
_symmetry.entry_id                         1U9H 
_symmetry.space_group_name_H-M             'P 43 2 2' 
_symmetry.pdbx_full_space_group_name_H-M   ? 
_symmetry.cell_setting                     ? 
_symmetry.Int_Tables_number                95 
_symmetry.space_group_name_Hall            ? 
# 
_exptl.entry_id          1U9H 
_exptl.method            'X-RAY DIFFRACTION' 
_exptl.crystals_number   1 
# 
_exptl_crystal.id                    1 
_exptl_crystal.density_meas          ? 
_exptl_crystal.density_Matthews      2.91 
_exptl_crystal.density_percent_sol   57.75 
_exptl_crystal.description           ? 
_exptl_crystal.F_000                 ? 
_exptl_crystal.preparation           ? 
# 
_exptl_crystal_grow.crystal_id      1 
_exptl_crystal_grow.method          'VAPOR DIFFUSION, HANGING DROP' 
_exptl_crystal_grow.temp            295 
_exptl_crystal_grow.temp_details    ? 
_exptl_crystal_grow.pH              6.5 
_exptl_crystal_grow.pdbx_details    
;0.16 M magnesium acetate tetrahydrate, 0.08 M sodium cacodylate, pH 6.5, 16% w/v PEG 8000, 20% v/v anhydrous glycerol, VAPOR DIFFUSION, HANGING DROP, temperature 295K
;
_exptl_crystal_grow.pdbx_pH_range   . 
# 
_diffrn.id                     1 
_diffrn.ambient_temp           100 
_diffrn.ambient_temp_details   ? 
_diffrn.crystal_id             1 
# 
_diffrn_detector.diffrn_id              1 
_diffrn_detector.detector               'IMAGE PLATE' 
_diffrn_detector.type                   'RIGAKU RAXIS IV' 
_diffrn_detector.pdbx_collection_date   2004-04-08 
_diffrn_detector.details                'osmic confocal mirrors' 
# 
_diffrn_radiation.diffrn_id                        1 
_diffrn_radiation.wavelength_id                    1 
_diffrn_radiation.pdbx_monochromatic_or_laue_m_l   M 
_diffrn_radiation.monochromator                    ? 
_diffrn_radiation.pdbx_diffrn_protocol             'SINGLE WAVELENGTH' 
_diffrn_radiation.pdbx_scattering_type             x-ray 
# 
_diffrn_radiation_wavelength.id           1 
_diffrn_radiation_wavelength.wavelength   1.5418 
_diffrn_radiation_wavelength.wt           1.0 
# 
_diffrn_source.diffrn_id                   1 
_diffrn_source.source                      'ROTATING ANODE' 
_diffrn_source.type                        'RIGAKU RU200' 
_diffrn_source.pdbx_synchrotron_site       ? 
_diffrn_source.pdbx_synchrotron_beamline   ? 
_diffrn_source.pdbx_wavelength             ? 
_diffrn_source.pdbx_wavelength_list        1.5418 
# 
_reflns.entry_id                     1U9H 
_reflns.observed_criterion_sigma_F   ? 
_reflns.observed_criterion_sigma_I   2.0 
_reflns.d_resolution_high            2.17 
_reflns.d_resolution_low             45.17 
_reflns.number_all                   ? 
_reflns.number_obs                   5435 
_reflns.percent_possible_obs         98.9 
_reflns.pdbx_Rmerge_I_obs            0.052 
_reflns.pdbx_Rsym_value              ? 
_reflns.pdbx_netI_over_sigmaI        7.2 
_reflns.B_iso_Wilson_estimate        ? 
_reflns.pdbx_redundancy              6.2 
_reflns.R_free_details               ? 
_reflns.limit_h_max                  ? 
_reflns.limit_h_min                  ? 
_reflns.limit_k_max                  ? 
_reflns.limit_k_min                  ? 
_reflns.limit_l_max                  ? 
_reflns.limit_l_min                  ? 
_reflns.observed_criterion_F_max     ? 
_reflns.observed_criterion_F_min     ? 
_reflns.pdbx_chi_squared             ? 
_reflns.pdbx_scaling_rejects         ? 
_reflns.pdbx_ordinal                 1 
_reflns.pdbx_diffrn_id               1 
# 
_reflns_shell.d_res_high             2.17 
_reflns_shell.d_res_low              2.25 
_reflns_shell.percent_possible_all   95.7 
_reflns_shell.Rmerge_I_obs           0.31 
_reflns_shell.pdbx_Rsym_value        ? 
_reflns_shell.meanI_over_sigI_obs    2.4 
_reflns_shell.pdbx_redundancy        ? 
_reflns_shell.percent_possible_obs   ? 
_reflns_shell.number_unique_all      ? 
_reflns_shell.number_measured_all    ? 
_reflns_shell.number_measured_obs    ? 
_reflns_shell.number_unique_obs      ? 
_reflns_shell.pdbx_chi_squared       ? 
_reflns_shell.pdbx_ordinal           1 
_reflns_shell.pdbx_diffrn_id         1 
# 
_refine.entry_id                                 1U9H 
_refine.ls_number_reflns_obs                     5190 
_refine.ls_number_reflns_all                     ? 
_refine.pdbx_ls_sigma_I                          ? 
_refine.pdbx_ls_sigma_F                          ? 
_refine.pdbx_data_cutoff_high_absF               ? 
_refine.pdbx_data_cutoff_low_absF                ? 
_refine.pdbx_data_cutoff_high_rms_absF           ? 
_refine.ls_d_res_low                             45.17 
_refine.ls_d_res_high                            2.17 
_refine.ls_percent_reflns_obs                    98.80 
_refine.ls_R_factor_obs                          0.24857 
_refine.ls_R_factor_all                          0.24857 
_refine.ls_R_factor_R_work                       0.24687 
_refine.ls_R_factor_R_free                       0.28418 
_refine.ls_R_factor_R_free_error                 ? 
_refine.ls_R_factor_R_free_error_details         ? 
_refine.ls_percent_reflns_R_free                 4.5 
_refine.ls_number_reflns_R_free                  244 
_refine.ls_number_parameters                     ? 
_refine.ls_number_restraints                     ? 
_refine.occupancy_min                            ? 
_refine.occupancy_max                            ? 
_refine.correlation_coeff_Fo_to_Fc               0.921 
_refine.correlation_coeff_Fo_to_Fc_free          0.920 
_refine.B_iso_mean                               36.136 
_refine.aniso_B[1][1]                            0.26 
_refine.aniso_B[2][2]                            0.26 
_refine.aniso_B[3][3]                            -0.51 
_refine.aniso_B[1][2]                            0.00 
_refine.aniso_B[1][3]                            0.00 
_refine.aniso_B[2][3]                            0.00 
_refine.solvent_model_details                    MASK 
_refine.solvent_model_param_ksol                 ? 
_refine.solvent_model_param_bsol                 ? 
_refine.pdbx_solvent_vdw_probe_radii             1.20 
_refine.pdbx_solvent_ion_probe_radii             0.80 
_refine.pdbx_solvent_shrinkage_radii             0.80 
_refine.pdbx_ls_cross_valid_method               THROUGHOUT 
_refine.details                                  'HYDROGENS HAVE BEEN ADDED IN THE RIDING POSITIONS' 
_refine.pdbx_starting_model                      ? 
_refine.pdbx_method_to_determine_struct          'MOLECULAR REPLACEMENT' 
_refine.pdbx_isotropic_thermal_model             ? 
_refine.pdbx_stereochemistry_target_values       'MAXIMUM LIKELIHOOD' 
_refine.pdbx_stereochem_target_val_spec_case     ? 
_refine.pdbx_R_Free_selection_details            RANDOM 
_refine.pdbx_overall_ESU_R                       0.242 
_refine.pdbx_overall_ESU_R_Free                  0.209 
_refine.overall_SU_ML                            0.162 
_refine.overall_SU_B                             6.418 
_refine.ls_redundancy_reflns_obs                 ? 
_refine.B_iso_min                                ? 
_refine.B_iso_max                                ? 
_refine.overall_SU_R_Cruickshank_DPI             ? 
_refine.overall_SU_R_free                        ? 
_refine.ls_wR_factor_R_free                      ? 
_refine.ls_wR_factor_R_work                      ? 
_refine.overall_FOM_free_R_set                   ? 
_refine.overall_FOM_work_R_set                   ? 
_refine.pdbx_refine_id                           'X-RAY DIFFRACTION' 
_refine.pdbx_overall_phase_error                 ? 
_refine.pdbx_diffrn_id                           1 
_refine.pdbx_TLS_residual_ADP_flag               ? 
_refine.pdbx_overall_SU_R_free_Cruickshank_DPI   ? 
_refine.pdbx_overall_SU_R_Blow_DPI               ? 
_refine.pdbx_overall_SU_R_free_Blow_DPI          ? 
# 
_refine_hist.pdbx_refine_id                   'X-RAY DIFFRACTION' 
_refine_hist.cycle_id                         LAST 
_refine_hist.pdbx_number_atoms_protein        527 
_refine_hist.pdbx_number_atoms_nucleic_acid   0 
_refine_hist.pdbx_number_atoms_ligand         0 
_refine_hist.number_atoms_solvent             45 
_refine_hist.number_atoms_total               572 
_refine_hist.d_res_high                       2.17 
_refine_hist.d_res_low                        45.17 
# 
loop_
_refine_ls_restr.type 
_refine_ls_restr.dev_ideal 
_refine_ls_restr.dev_ideal_target 
_refine_ls_restr.weight 
_refine_ls_restr.number 
_refine_ls_restr.pdbx_refine_id 
_refine_ls_restr.pdbx_restraint_function 
r_bond_refined_d         0.019  0.022  ? 531  'X-RAY DIFFRACTION' ? 
r_bond_other_d           0.002  0.020  ? 529  'X-RAY DIFFRACTION' ? 
r_angle_refined_deg      2.001  2.059  ? 703  'X-RAY DIFFRACTION' ? 
r_angle_other_deg        1.023  3.000  ? 1235 'X-RAY DIFFRACTION' ? 
r_dihedral_angle_1_deg   10.880 5.000  ? 60   'X-RAY DIFFRACTION' ? 
r_dihedral_angle_2_deg   41.111 24.783 ? 23   'X-RAY DIFFRACTION' ? 
r_dihedral_angle_3_deg   19.451 15.000 ? 124  'X-RAY DIFFRACTION' ? 
r_dihedral_angle_4_deg   19.172 15.000 ? 4    'X-RAY DIFFRACTION' ? 
r_chiral_restr           0.105  0.200  ? 79   'X-RAY DIFFRACTION' ? 
r_gen_planes_refined     0.007  0.020  ? 542  'X-RAY DIFFRACTION' ? 
r_gen_planes_other       0.001  0.020  ? 90   'X-RAY DIFFRACTION' ? 
r_nbd_refined            0.240  0.200  ? 142  'X-RAY DIFFRACTION' ? 
r_nbd_other              0.217  0.200  ? 558  'X-RAY DIFFRACTION' ? 
r_nbtor_refined          0.195  0.200  ? 245  'X-RAY DIFFRACTION' ? 
r_nbtor_other            0.102  0.200  ? 358  'X-RAY DIFFRACTION' ? 
r_xyhbond_nbd_refined    0.226  0.200  ? 29   'X-RAY DIFFRACTION' ? 
r_xyhbond_nbd_other      ?      ?      ? ?    'X-RAY DIFFRACTION' ? 
r_metal_ion_refined      ?      ?      ? ?    'X-RAY DIFFRACTION' ? 
r_metal_ion_other        ?      ?      ? ?    'X-RAY DIFFRACTION' ? 
r_symmetry_vdw_refined   0.235  0.200  ? 11   'X-RAY DIFFRACTION' ? 
r_symmetry_vdw_other     0.210  0.200  ? 41   'X-RAY DIFFRACTION' ? 
r_symmetry_hbond_refined 0.228  0.200  ? 12   'X-RAY DIFFRACTION' ? 
r_symmetry_hbond_other   ?      ?      ? ?    'X-RAY DIFFRACTION' ? 
r_mcbond_it              0.924  1.500  ? 339  'X-RAY DIFFRACTION' ? 
r_mcbond_other           0.210  1.500  ? 127  'X-RAY DIFFRACTION' ? 
r_mcangle_it             1.535  2.000  ? 487  'X-RAY DIFFRACTION' ? 
r_scbond_it              2.361  3.000  ? 240  'X-RAY DIFFRACTION' ? 
r_scangle_it             3.732  4.500  ? 214  'X-RAY DIFFRACTION' ? 
r_rigid_bond_restr       ?      ?      ? ?    'X-RAY DIFFRACTION' ? 
r_sphericity_free        ?      ?      ? ?    'X-RAY DIFFRACTION' ? 
r_sphericity_bonded      ?      ?      ? ?    'X-RAY DIFFRACTION' ? 
# 
_refine_ls_shell.pdbx_total_number_of_bins_used   20 
_refine_ls_shell.d_res_high                       2.170 
_refine_ls_shell.d_res_low                        2.226 
_refine_ls_shell.number_reflns_R_work             352 
_refine_ls_shell.R_factor_R_work                  0.227 
_refine_ls_shell.percent_reflns_obs               94.63 
_refine_ls_shell.R_factor_R_free                  0.338 
_refine_ls_shell.R_factor_R_free_error            ? 
_refine_ls_shell.percent_reflns_R_free            ? 
_refine_ls_shell.number_reflns_R_free             18 
_refine_ls_shell.number_reflns_obs                ? 
_refine_ls_shell.redundancy_reflns_obs            ? 
_refine_ls_shell.number_reflns_all                ? 
_refine_ls_shell.pdbx_refine_id                   'X-RAY DIFFRACTION' 
_refine_ls_shell.R_factor_all                     ? 
# 
_struct.entry_id                  1U9H 
_struct.title                     
'Heterocyclic Peptide Backbone Modification in GCN4-pLI Based Coiled Coils: Replacement of E(22)L(23)' 
_struct.pdbx_model_details        ? 
_struct.pdbx_CASP_flag            ? 
_struct.pdbx_model_type_details   ? 
# 
_struct_keywords.entry_id        1U9H 
_struct_keywords.pdbx_keywords   TRANSCRIPTION 
_struct_keywords.text            'tetrameric alpha-helical coiled coil, heterocycic backbone modification, transcription' 
# 
loop_
_struct_asym.id 
_struct_asym.pdbx_blank_PDB_chainid_flag 
_struct_asym.pdbx_modified 
_struct_asym.entity_id 
_struct_asym.details 
A N N 1 ? 
B N N 1 ? 
C N N 2 ? 
D N N 2 ? 
# 
_struct_ref.id                         1 
_struct_ref.entity_id                  1 
_struct_ref.db_name                    PDB 
_struct_ref.db_code                    1U9H 
_struct_ref.pdbx_db_accession          1U9H 
_struct_ref.pdbx_align_begin           ? 
_struct_ref.pdbx_seq_one_letter_code   ? 
_struct_ref.pdbx_db_isoform            ? 
# 
loop_
_struct_ref_seq.align_id 
_struct_ref_seq.ref_id 
_struct_ref_seq.pdbx_PDB_id_code 
_struct_ref_seq.pdbx_strand_id 
_struct_ref_seq.seq_align_beg 
_struct_ref_seq.pdbx_seq_align_beg_ins_code 
_struct_ref_seq.seq_align_end 
_struct_ref_seq.pdbx_seq_align_end_ins_code 
_struct_ref_seq.pdbx_db_accession 
_struct_ref_seq.db_align_beg 
_struct_ref_seq.pdbx_db_align_beg_ins_code 
_struct_ref_seq.db_align_end 
_struct_ref_seq.pdbx_db_align_end_ins_code 
_struct_ref_seq.pdbx_auth_seq_align_beg 
_struct_ref_seq.pdbx_auth_seq_align_end 
1 1 1U9H A 1 ? 33 ? 1U9H 0 ? 32 ? 0 32 
2 1 1U9H B 1 ? 33 ? 1U9H 0 ? 32 ? 0 32 
# 
loop_
_pdbx_struct_assembly.id 
_pdbx_struct_assembly.details 
_pdbx_struct_assembly.method_details 
_pdbx_struct_assembly.oligomeric_details 
_pdbx_struct_assembly.oligomeric_count 
1 author_and_software_defined_assembly PISA,PQS tetrameric 4 
2 software_defined_assembly            PISA     dimeric    2 
# 
loop_
_pdbx_struct_assembly_prop.biol_id 
_pdbx_struct_assembly_prop.type 
_pdbx_struct_assembly_prop.value 
_pdbx_struct_assembly_prop.details 
1 'ABSA (A^2)' 6970 ? 
1 MORE         -50  ? 
1 'SSA (A^2)'  7030 ? 
2 'ABSA (A^2)' 1790 ? 
2 MORE         -12  ? 
2 'SSA (A^2)'  5210 ? 
# 
loop_
_pdbx_struct_assembly_gen.assembly_id 
_pdbx_struct_assembly_gen.oper_expression 
_pdbx_struct_assembly_gen.asym_id_list 
1 1,2 A,B,C,D 
2 1   A,B,C,D 
# 
loop_
_pdbx_struct_oper_list.id 
_pdbx_struct_oper_list.type 
_pdbx_struct_oper_list.name 
_pdbx_struct_oper_list.symmetry_operation 
_pdbx_struct_oper_list.matrix[1][1] 
_pdbx_struct_oper_list.matrix[1][2] 
_pdbx_struct_oper_list.matrix[1][3] 
_pdbx_struct_oper_list.vector[1] 
_pdbx_struct_oper_list.matrix[2][1] 
_pdbx_struct_oper_list.matrix[2][2] 
_pdbx_struct_oper_list.matrix[2][3] 
_pdbx_struct_oper_list.vector[2] 
_pdbx_struct_oper_list.matrix[3][1] 
_pdbx_struct_oper_list.matrix[3][2] 
_pdbx_struct_oper_list.matrix[3][3] 
_pdbx_struct_oper_list.vector[3] 
1 'identity operation'         1_555 x,y,z     1.0000000000  0.0000000000 0.0000000000 0.0000000000  0.0000000000 1.0000000000 0.0000000000 0.0000000000 0.0000000000 0.0000000000 1.0000000000  0.0000000000 
2 'crystal symmetry operation' 5_556 -x,y,-z+1 -0.0503407798 0.9767612982 0.2083342802 -4.6182249691 0.9767612982 0.0046368353 0.2142798781 2.5373852917 0.2083342802 0.2142798781 -0.9542960555 9.1550952161 
# 
_struct_biol.id                    1 
_struct_biol.details               'The tetramer formed by chains A and B is generated by the two fold axis: y,-x,1/4+z' 
_struct_biol.pdbx_parent_biol_id   ? 
# 
loop_
_struct_conf.conf_type_id 
_struct_conf.id 
_struct_conf.pdbx_PDB_helix_id 
_struct_conf.beg_label_comp_id 
_struct_conf.beg_label_asym_id 
_struct_conf.beg_label_seq_id 
_struct_conf.pdbx_beg_PDB_ins_code 
_struct_conf.end_label_comp_id 
_struct_conf.end_label_asym_id 
_struct_conf.end_label_seq_id 
_struct_conf.pdbx_end_PDB_ins_code 
_struct_conf.beg_auth_comp_id 
_struct_conf.beg_auth_asym_id 
_struct_conf.beg_auth_seq_id 
_struct_conf.end_auth_comp_id 
_struct_conf.end_auth_asym_id 
_struct_conf.end_auth_seq_id 
_struct_conf.pdbx_PDB_helix_class 
_struct_conf.details 
_struct_conf.pdbx_PDB_helix_length 
HELX_P HELX_P1 1 ARG A 2  ? ASN A 22 ? ARG A 1  ASN A 21 1 ? 21 
HELX_P HELX_P2 2 TA4 A 23 ? GLY A 31 ? TA4 A 22 GLY A 30 1 ? 9  
HELX_P HELX_P3 3 ARG B 2  ? ASN B 22 ? ARG B 1  ASN B 21 1 ? 21 
HELX_P HELX_P4 4 TA4 B 23 ? LEU B 30 ? TA4 B 22 LEU B 29 1 ? 8  
# 
_struct_conf_type.id          HELX_P 
_struct_conf_type.criteria    ? 
_struct_conf_type.reference   ? 
# 
loop_
_struct_conn.id 
_struct_conn.conn_type_id 
_struct_conn.pdbx_leaving_atom_flag 
_struct_conn.pdbx_PDB_id 
_struct_conn.ptnr1_label_asym_id 
_struct_conn.ptnr1_label_comp_id 
_struct_conn.ptnr1_label_seq_id 
_struct_conn.ptnr1_label_atom_id 
_struct_conn.pdbx_ptnr1_label_alt_id 
_struct_conn.pdbx_ptnr1_PDB_ins_code 
_struct_conn.pdbx_ptnr1_standard_comp_id 
_struct_conn.ptnr1_symmetry 
_struct_conn.ptnr2_label_asym_id 
_struct_conn.ptnr2_label_comp_id 
_struct_conn.ptnr2_label_seq_id 
_struct_conn.ptnr2_label_atom_id 
_struct_conn.pdbx_ptnr2_label_alt_id 
_struct_conn.pdbx_ptnr2_PDB_ins_code 
_struct_conn.ptnr1_auth_asym_id 
_struct_conn.ptnr1_auth_comp_id 
_struct_conn.ptnr1_auth_seq_id 
_struct_conn.ptnr2_auth_asym_id 
_struct_conn.ptnr2_auth_comp_id 
_struct_conn.ptnr2_auth_seq_id 
_struct_conn.ptnr2_symmetry 
_struct_conn.pdbx_ptnr3_label_atom_id 
_struct_conn.pdbx_ptnr3_label_seq_id 
_struct_conn.pdbx_ptnr3_label_comp_id 
_struct_conn.pdbx_ptnr3_label_asym_id 
_struct_conn.pdbx_ptnr3_label_alt_id 
_struct_conn.pdbx_ptnr3_PDB_ins_code 
_struct_conn.details 
_struct_conn.pdbx_dist_value 
_struct_conn.pdbx_value_order 
_struct_conn.pdbx_role 
covale1 covale both ? A ACE 1  C ? ? ? 1_555 A ARG 2  N ? ? A ACE 0  A ARG 1  1_555 ? ? ? ? ? ? ? 1.321 ? ? 
covale2 covale both ? A ASN 22 C ? ? ? 1_555 A TA4 23 N ? ? A ASN 21 A TA4 22 1_555 ? ? ? ? ? ? ? 1.332 ? ? 
covale3 covale both ? A TA4 23 C ? ? ? 1_555 A ALA 24 N ? ? A TA4 22 A ALA 23 1_555 ? ? ? ? ? ? ? 1.332 ? ? 
covale4 covale both ? B ACE 1  C ? ? ? 1_555 B ARG 2  N ? ? B ACE 0  B ARG 1  1_555 ? ? ? ? ? ? ? 1.327 ? ? 
covale5 covale both ? B ASN 22 C ? ? ? 1_555 B TA4 23 N ? ? B ASN 21 B TA4 22 1_555 ? ? ? ? ? ? ? 1.322 ? ? 
covale6 covale both ? B TA4 23 C ? ? ? 1_555 B ALA 24 N ? ? B TA4 22 B ALA 23 1_555 ? ? ? ? ? ? ? 1.320 ? ? 
# 
_struct_conn_type.id          covale 
_struct_conn_type.criteria    ? 
_struct_conn_type.reference   ? 
# 
loop_
_pdbx_modification_feature.ordinal 
_pdbx_modification_feature.label_comp_id 
_pdbx_modification_feature.label_asym_id 
_pdbx_modification_feature.label_seq_id 
_pdbx_modification_feature.label_alt_id 
_pdbx_modification_feature.modified_residue_label_comp_id 
_pdbx_modification_feature.modified_residue_label_asym_id 
_pdbx_modification_feature.modified_residue_label_seq_id 
_pdbx_modification_feature.modified_residue_label_alt_id 
_pdbx_modification_feature.auth_comp_id 
_pdbx_modification_feature.auth_asym_id 
_pdbx_modification_feature.auth_seq_id 
_pdbx_modification_feature.PDB_ins_code 
_pdbx_modification_feature.symmetry 
_pdbx_modification_feature.modified_residue_auth_comp_id 
_pdbx_modification_feature.modified_residue_auth_asym_id 
_pdbx_modification_feature.modified_residue_auth_seq_id 
_pdbx_modification_feature.modified_residue_PDB_ins_code 
_pdbx_modification_feature.modified_residue_symmetry 
_pdbx_modification_feature.comp_id_linking_atom 
_pdbx_modification_feature.modified_residue_id_linking_atom 
_pdbx_modification_feature.modified_residue_id 
_pdbx_modification_feature.ref_pcm_id 
_pdbx_modification_feature.ref_comp_id 
_pdbx_modification_feature.type 
_pdbx_modification_feature.category 
1 TA4 A 23 ? .   . . . TA4 A 22 ? 1_555 .   . . . .     . . ?   1 TA4 None 'Non-standard residue' 
2 TA4 B 23 ? .   . . . TA4 B 22 ? 1_555 .   . . . .     . . ?   1 TA4 None 'Non-standard residue' 
3 ACE A 1  ? ARG A 2 ? ACE A 0  ? 1_555 ARG A 1 ? 1_555 . . ARG 8 ACE None 'Terminal acetylation' 
4 ACE B 1  ? ARG B 2 ? ACE B 0  ? 1_555 ARG B 1 ? 1_555 . . ARG 8 ACE None 'Terminal acetylation' 
# 
_pdbx_entry_details.entry_id                   1U9H 
_pdbx_entry_details.compound_details           ? 
_pdbx_entry_details.source_details             ? 
_pdbx_entry_details.nonpolymer_details         ? 
_pdbx_entry_details.sequence_details           ? 
_pdbx_entry_details.has_ligand_of_interest     ? 
_pdbx_entry_details.has_protein_modification   Y 
# 
loop_
_pdbx_validate_rmsd_angle.id 
_pdbx_validate_rmsd_angle.PDB_model_num 
_pdbx_validate_rmsd_angle.auth_atom_id_1 
_pdbx_validate_rmsd_angle.auth_asym_id_1 
_pdbx_validate_rmsd_angle.auth_comp_id_1 
_pdbx_validate_rmsd_angle.auth_seq_id_1 
_pdbx_validate_rmsd_angle.PDB_ins_code_1 
_pdbx_validate_rmsd_angle.label_alt_id_1 
_pdbx_validate_rmsd_angle.auth_atom_id_2 
_pdbx_validate_rmsd_angle.auth_asym_id_2 
_pdbx_validate_rmsd_angle.auth_comp_id_2 
_pdbx_validate_rmsd_angle.auth_seq_id_2 
_pdbx_validate_rmsd_angle.PDB_ins_code_2 
_pdbx_validate_rmsd_angle.label_alt_id_2 
_pdbx_validate_rmsd_angle.auth_atom_id_3 
_pdbx_validate_rmsd_angle.auth_asym_id_3 
_pdbx_validate_rmsd_angle.auth_comp_id_3 
_pdbx_validate_rmsd_angle.auth_seq_id_3 
_pdbx_validate_rmsd_angle.PDB_ins_code_3 
_pdbx_validate_rmsd_angle.label_alt_id_3 
_pdbx_validate_rmsd_angle.angle_value 
_pdbx_validate_rmsd_angle.angle_target_value 
_pdbx_validate_rmsd_angle.angle_deviation 
_pdbx_validate_rmsd_angle.angle_standard_deviation 
_pdbx_validate_rmsd_angle.linker_flag 
1 1 CB A ASP 7  ? ? CG A ASP 7  ? ? OD2 A ASP 7  ? ? 124.30 118.30 6.00  0.90 N 
2 1 C  A ASN 21 ? ? N  A TA4 22 ? ? CA  A TA4 22 ? ? 136.93 121.70 15.23 2.50 Y 
# 
_pdbx_validate_torsion.id              1 
_pdbx_validate_torsion.PDB_model_num   1 
_pdbx_validate_torsion.auth_comp_id    TA4 
_pdbx_validate_torsion.auth_asym_id    A 
_pdbx_validate_torsion.auth_seq_id     22 
_pdbx_validate_torsion.PDB_ins_code    ? 
_pdbx_validate_torsion.label_alt_id    ? 
_pdbx_validate_torsion.phi             71.07 
_pdbx_validate_torsion.psi             124.81 
# 
loop_
_pdbx_validate_peptide_omega.id 
_pdbx_validate_peptide_omega.PDB_model_num 
_pdbx_validate_peptide_omega.auth_comp_id_1 
_pdbx_validate_peptide_omega.auth_asym_id_1 
_pdbx_validate_peptide_omega.auth_seq_id_1 
_pdbx_validate_peptide_omega.PDB_ins_code_1 
_pdbx_validate_peptide_omega.label_alt_id_1 
_pdbx_validate_peptide_omega.auth_comp_id_2 
_pdbx_validate_peptide_omega.auth_asym_id_2 
_pdbx_validate_peptide_omega.auth_seq_id_2 
_pdbx_validate_peptide_omega.PDB_ins_code_2 
_pdbx_validate_peptide_omega.label_alt_id_2 
_pdbx_validate_peptide_omega.omega 
1 1 ASN A 21 ? ? TA4 A 22 ? ? 139.03  
2 1 ASN B 21 ? ? TA4 B 22 ? ? -122.45 
# 
loop_
_pdbx_struct_special_symmetry.id 
_pdbx_struct_special_symmetry.PDB_model_num 
_pdbx_struct_special_symmetry.auth_asym_id 
_pdbx_struct_special_symmetry.auth_comp_id 
_pdbx_struct_special_symmetry.auth_seq_id 
_pdbx_struct_special_symmetry.PDB_ins_code 
_pdbx_struct_special_symmetry.label_asym_id 
_pdbx_struct_special_symmetry.label_comp_id 
_pdbx_struct_special_symmetry.label_seq_id 
1 1 A HOH 41 ? C HOH . 
2 1 B HOH 46 ? D HOH . 
# 
loop_
_pdbx_unobs_or_zero_occ_residues.id 
_pdbx_unobs_or_zero_occ_residues.PDB_model_num 
_pdbx_unobs_or_zero_occ_residues.polymer_flag 
_pdbx_unobs_or_zero_occ_residues.occupancy_flag 
_pdbx_unobs_or_zero_occ_residues.auth_asym_id 
_pdbx_unobs_or_zero_occ_residues.auth_comp_id 
_pdbx_unobs_or_zero_occ_residues.auth_seq_id 
_pdbx_unobs_or_zero_occ_residues.PDB_ins_code 
_pdbx_unobs_or_zero_occ_residues.label_asym_id 
_pdbx_unobs_or_zero_occ_residues.label_comp_id 
_pdbx_unobs_or_zero_occ_residues.label_seq_id 
1 1 Y 1 A ARG 32 ? A ARG 33 
2 1 Y 1 B GLY 30 ? B GLY 31 
3 1 Y 1 B GLU 31 ? B GLU 32 
4 1 Y 1 B ARG 32 ? B ARG 33 
# 
loop_
_chem_comp_atom.comp_id 
_chem_comp_atom.atom_id 
_chem_comp_atom.type_symbol 
_chem_comp_atom.pdbx_aromatic_flag 
_chem_comp_atom.pdbx_stereo_config 
_chem_comp_atom.pdbx_ordinal 
ACE C    C N N 1   
ACE O    O N N 2   
ACE CH3  C N N 3   
ACE H    H N N 4   
ACE H1   H N N 5   
ACE H2   H N N 6   
ACE H3   H N N 7   
ALA N    N N N 8   
ALA CA   C N S 9   
ALA C    C N N 10  
ALA O    O N N 11  
ALA CB   C N N 12  
ALA OXT  O N N 13  
ALA H    H N N 14  
ALA H2   H N N 15  
ALA HA   H N N 16  
ALA HB1  H N N 17  
ALA HB2  H N N 18  
ALA HB3  H N N 19  
ALA HXT  H N N 20  
ARG N    N N N 21  
ARG CA   C N S 22  
ARG C    C N N 23  
ARG O    O N N 24  
ARG CB   C N N 25  
ARG CG   C N N 26  
ARG CD   C N N 27  
ARG NE   N N N 28  
ARG CZ   C N N 29  
ARG NH1  N N N 30  
ARG NH2  N N N 31  
ARG OXT  O N N 32  
ARG H    H N N 33  
ARG H2   H N N 34  
ARG HA   H N N 35  
ARG HB2  H N N 36  
ARG HB3  H N N 37  
ARG HG2  H N N 38  
ARG HG3  H N N 39  
ARG HD2  H N N 40  
ARG HD3  H N N 41  
ARG HE   H N N 42  
ARG HH11 H N N 43  
ARG HH12 H N N 44  
ARG HH21 H N N 45  
ARG HH22 H N N 46  
ARG HXT  H N N 47  
ASN N    N N N 48  
ASN CA   C N S 49  
ASN C    C N N 50  
ASN O    O N N 51  
ASN CB   C N N 52  
ASN CG   C N N 53  
ASN OD1  O N N 54  
ASN ND2  N N N 55  
ASN OXT  O N N 56  
ASN H    H N N 57  
ASN H2   H N N 58  
ASN HA   H N N 59  
ASN HB2  H N N 60  
ASN HB3  H N N 61  
ASN HD21 H N N 62  
ASN HD22 H N N 63  
ASN HXT  H N N 64  
ASP N    N N N 65  
ASP CA   C N S 66  
ASP C    C N N 67  
ASP O    O N N 68  
ASP CB   C N N 69  
ASP CG   C N N 70  
ASP OD1  O N N 71  
ASP OD2  O N N 72  
ASP OXT  O N N 73  
ASP H    H N N 74  
ASP H2   H N N 75  
ASP HA   H N N 76  
ASP HB2  H N N 77  
ASP HB3  H N N 78  
ASP HD2  H N N 79  
ASP HXT  H N N 80  
GLN N    N N N 81  
GLN CA   C N S 82  
GLN C    C N N 83  
GLN O    O N N 84  
GLN CB   C N N 85  
GLN CG   C N N 86  
GLN CD   C N N 87  
GLN OE1  O N N 88  
GLN NE2  N N N 89  
GLN OXT  O N N 90  
GLN H    H N N 91  
GLN H2   H N N 92  
GLN HA   H N N 93  
GLN HB2  H N N 94  
GLN HB3  H N N 95  
GLN HG2  H N N 96  
GLN HG3  H N N 97  
GLN HE21 H N N 98  
GLN HE22 H N N 99  
GLN HXT  H N N 100 
GLU N    N N N 101 
GLU CA   C N S 102 
GLU C    C N N 103 
GLU O    O N N 104 
GLU CB   C N N 105 
GLU CG   C N N 106 
GLU CD   C N N 107 
GLU OE1  O N N 108 
GLU OE2  O N N 109 
GLU OXT  O N N 110 
GLU H    H N N 111 
GLU H2   H N N 112 
GLU HA   H N N 113 
GLU HB2  H N N 114 
GLU HB3  H N N 115 
GLU HG2  H N N 116 
GLU HG3  H N N 117 
GLU HE2  H N N 118 
GLU HXT  H N N 119 
GLY N    N N N 120 
GLY CA   C N N 121 
GLY C    C N N 122 
GLY O    O N N 123 
GLY OXT  O N N 124 
GLY H    H N N 125 
GLY H2   H N N 126 
GLY HA2  H N N 127 
GLY HA3  H N N 128 
GLY HXT  H N N 129 
HIS N    N N N 130 
HIS CA   C N S 131 
HIS C    C N N 132 
HIS O    O N N 133 
HIS CB   C N N 134 
HIS CG   C Y N 135 
HIS ND1  N Y N 136 
HIS CD2  C Y N 137 
HIS CE1  C Y N 138 
HIS NE2  N Y N 139 
HIS OXT  O N N 140 
HIS H    H N N 141 
HIS H2   H N N 142 
HIS HA   H N N 143 
HIS HB2  H N N 144 
HIS HB3  H N N 145 
HIS HD1  H N N 146 
HIS HD2  H N N 147 
HIS HE1  H N N 148 
HIS HE2  H N N 149 
HIS HXT  H N N 150 
HOH O    O N N 151 
HOH H1   H N N 152 
HOH H2   H N N 153 
ILE N    N N N 154 
ILE CA   C N S 155 
ILE C    C N N 156 
ILE O    O N N 157 
ILE CB   C N S 158 
ILE CG1  C N N 159 
ILE CG2  C N N 160 
ILE CD1  C N N 161 
ILE OXT  O N N 162 
ILE H    H N N 163 
ILE H2   H N N 164 
ILE HA   H N N 165 
ILE HB   H N N 166 
ILE HG12 H N N 167 
ILE HG13 H N N 168 
ILE HG21 H N N 169 
ILE HG22 H N N 170 
ILE HG23 H N N 171 
ILE HD11 H N N 172 
ILE HD12 H N N 173 
ILE HD13 H N N 174 
ILE HXT  H N N 175 
LEU N    N N N 176 
LEU CA   C N S 177 
LEU C    C N N 178 
LEU O    O N N 179 
LEU CB   C N N 180 
LEU CG   C N N 181 
LEU CD1  C N N 182 
LEU CD2  C N N 183 
LEU OXT  O N N 184 
LEU H    H N N 185 
LEU H2   H N N 186 
LEU HA   H N N 187 
LEU HB2  H N N 188 
LEU HB3  H N N 189 
LEU HG   H N N 190 
LEU HD11 H N N 191 
LEU HD12 H N N 192 
LEU HD13 H N N 193 
LEU HD21 H N N 194 
LEU HD22 H N N 195 
LEU HD23 H N N 196 
LEU HXT  H N N 197 
LYS N    N N N 198 
LYS CA   C N S 199 
LYS C    C N N 200 
LYS O    O N N 201 
LYS CB   C N N 202 
LYS CG   C N N 203 
LYS CD   C N N 204 
LYS CE   C N N 205 
LYS NZ   N N N 206 
LYS OXT  O N N 207 
LYS H    H N N 208 
LYS H2   H N N 209 
LYS HA   H N N 210 
LYS HB2  H N N 211 
LYS HB3  H N N 212 
LYS HG2  H N N 213 
LYS HG3  H N N 214 
LYS HD2  H N N 215 
LYS HD3  H N N 216 
LYS HE2  H N N 217 
LYS HE3  H N N 218 
LYS HZ1  H N N 219 
LYS HZ2  H N N 220 
LYS HZ3  H N N 221 
LYS HXT  H N N 222 
MET N    N N N 223 
MET CA   C N S 224 
MET C    C N N 225 
MET O    O N N 226 
MET CB   C N N 227 
MET CG   C N N 228 
MET SD   S N N 229 
MET CE   C N N 230 
MET OXT  O N N 231 
MET H    H N N 232 
MET H2   H N N 233 
MET HA   H N N 234 
MET HB2  H N N 235 
MET HB3  H N N 236 
MET HG2  H N N 237 
MET HG3  H N N 238 
MET HE1  H N N 239 
MET HE2  H N N 240 
MET HE3  H N N 241 
MET HXT  H N N 242 
SER N    N N N 243 
SER CA   C N S 244 
SER C    C N N 245 
SER O    O N N 246 
SER CB   C N N 247 
SER OG   O N N 248 
SER OXT  O N N 249 
SER H    H N N 250 
SER H2   H N N 251 
SER HA   H N N 252 
SER HB2  H N N 253 
SER HB3  H N N 254 
SER HG   H N N 255 
SER HXT  H N N 256 
TA4 O    O N N 257 
TA4 C    C N N 258 
TA4 CA   C N S 259 
TA4 CB   C N N 260 
TA4 CG   C N N 261 
TA4 CD2  C N N 262 
TA4 CD1  C N N 263 
TA4 NT1  N Y N 264 
TA4 CT5  C Y N 265 
TA4 CT4  C Y N 266 
TA4 NT3  N Y N 267 
TA4 NT2  N Y N 268 
TA4 CT6  C N N 269 
TA4 N    N N N 270 
TA4 OXT  O N N 271 
TA4 HA   H N N 272 
TA4 HB2  H N N 273 
TA4 HB3  H N N 274 
TA4 HG   H N N 275 
TA4 HD21 H N N 276 
TA4 HD22 H N N 277 
TA4 HD23 H N N 278 
TA4 HD11 H N N 279 
TA4 HD12 H N N 280 
TA4 HD13 H N N 281 
TA4 HT5  H N N 282 
TA4 HT61 H N N 283 
TA4 HT62 H N N 284 
TA4 H    H N N 285 
TA4 H2   H N N 286 
TA4 HXT  H N N 287 
TYR N    N N N 288 
TYR CA   C N S 289 
TYR C    C N N 290 
TYR O    O N N 291 
TYR CB   C N N 292 
TYR CG   C Y N 293 
TYR CD1  C Y N 294 
TYR CD2  C Y N 295 
TYR CE1  C Y N 296 
TYR CE2  C Y N 297 
TYR CZ   C Y N 298 
TYR OH   O N N 299 
TYR OXT  O N N 300 
TYR H    H N N 301 
TYR H2   H N N 302 
TYR HA   H N N 303 
TYR HB2  H N N 304 
TYR HB3  H N N 305 
TYR HD1  H N N 306 
TYR HD2  H N N 307 
TYR HE1  H N N 308 
TYR HE2  H N N 309 
TYR HH   H N N 310 
TYR HXT  H N N 311 
# 
loop_
_chem_comp_bond.comp_id 
_chem_comp_bond.atom_id_1 
_chem_comp_bond.atom_id_2 
_chem_comp_bond.value_order 
_chem_comp_bond.pdbx_aromatic_flag 
_chem_comp_bond.pdbx_stereo_config 
_chem_comp_bond.pdbx_ordinal 
ACE C   O    doub N N 1   
ACE C   CH3  sing N N 2   
ACE C   H    sing N N 3   
ACE CH3 H1   sing N N 4   
ACE CH3 H2   sing N N 5   
ACE CH3 H3   sing N N 6   
ALA N   CA   sing N N 7   
ALA N   H    sing N N 8   
ALA N   H2   sing N N 9   
ALA CA  C    sing N N 10  
ALA CA  CB   sing N N 11  
ALA CA  HA   sing N N 12  
ALA C   O    doub N N 13  
ALA C   OXT  sing N N 14  
ALA CB  HB1  sing N N 15  
ALA CB  HB2  sing N N 16  
ALA CB  HB3  sing N N 17  
ALA OXT HXT  sing N N 18  
ARG N   CA   sing N N 19  
ARG N   H    sing N N 20  
ARG N   H2   sing N N 21  
ARG CA  C    sing N N 22  
ARG CA  CB   sing N N 23  
ARG CA  HA   sing N N 24  
ARG C   O    doub N N 25  
ARG C   OXT  sing N N 26  
ARG CB  CG   sing N N 27  
ARG CB  HB2  sing N N 28  
ARG CB  HB3  sing N N 29  
ARG CG  CD   sing N N 30  
ARG CG  HG2  sing N N 31  
ARG CG  HG3  sing N N 32  
ARG CD  NE   sing N N 33  
ARG CD  HD2  sing N N 34  
ARG CD  HD3  sing N N 35  
ARG NE  CZ   sing N N 36  
ARG NE  HE   sing N N 37  
ARG CZ  NH1  sing N N 38  
ARG CZ  NH2  doub N N 39  
ARG NH1 HH11 sing N N 40  
ARG NH1 HH12 sing N N 41  
ARG NH2 HH21 sing N N 42  
ARG NH2 HH22 sing N N 43  
ARG OXT HXT  sing N N 44  
ASN N   CA   sing N N 45  
ASN N   H    sing N N 46  
ASN N   H2   sing N N 47  
ASN CA  C    sing N N 48  
ASN CA  CB   sing N N 49  
ASN CA  HA   sing N N 50  
ASN C   O    doub N N 51  
ASN C   OXT  sing N N 52  
ASN CB  CG   sing N N 53  
ASN CB  HB2  sing N N 54  
ASN CB  HB3  sing N N 55  
ASN CG  OD1  doub N N 56  
ASN CG  ND2  sing N N 57  
ASN ND2 HD21 sing N N 58  
ASN ND2 HD22 sing N N 59  
ASN OXT HXT  sing N N 60  
ASP N   CA   sing N N 61  
ASP N   H    sing N N 62  
ASP N   H2   sing N N 63  
ASP CA  C    sing N N 64  
ASP CA  CB   sing N N 65  
ASP CA  HA   sing N N 66  
ASP C   O    doub N N 67  
ASP C   OXT  sing N N 68  
ASP CB  CG   sing N N 69  
ASP CB  HB2  sing N N 70  
ASP CB  HB3  sing N N 71  
ASP CG  OD1  doub N N 72  
ASP CG  OD2  sing N N 73  
ASP OD2 HD2  sing N N 74  
ASP OXT HXT  sing N N 75  
GLN N   CA   sing N N 76  
GLN N   H    sing N N 77  
GLN N   H2   sing N N 78  
GLN CA  C    sing N N 79  
GLN CA  CB   sing N N 80  
GLN CA  HA   sing N N 81  
GLN C   O    doub N N 82  
GLN C   OXT  sing N N 83  
GLN CB  CG   sing N N 84  
GLN CB  HB2  sing N N 85  
GLN CB  HB3  sing N N 86  
GLN CG  CD   sing N N 87  
GLN CG  HG2  sing N N 88  
GLN CG  HG3  sing N N 89  
GLN CD  OE1  doub N N 90  
GLN CD  NE2  sing N N 91  
GLN NE2 HE21 sing N N 92  
GLN NE2 HE22 sing N N 93  
GLN OXT HXT  sing N N 94  
GLU N   CA   sing N N 95  
GLU N   H    sing N N 96  
GLU N   H2   sing N N 97  
GLU CA  C    sing N N 98  
GLU CA  CB   sing N N 99  
GLU CA  HA   sing N N 100 
GLU C   O    doub N N 101 
GLU C   OXT  sing N N 102 
GLU CB  CG   sing N N 103 
GLU CB  HB2  sing N N 104 
GLU CB  HB3  sing N N 105 
GLU CG  CD   sing N N 106 
GLU CG  HG2  sing N N 107 
GLU CG  HG3  sing N N 108 
GLU CD  OE1  doub N N 109 
GLU CD  OE2  sing N N 110 
GLU OE2 HE2  sing N N 111 
GLU OXT HXT  sing N N 112 
GLY N   CA   sing N N 113 
GLY N   H    sing N N 114 
GLY N   H2   sing N N 115 
GLY CA  C    sing N N 116 
GLY CA  HA2  sing N N 117 
GLY CA  HA3  sing N N 118 
GLY C   O    doub N N 119 
GLY C   OXT  sing N N 120 
GLY OXT HXT  sing N N 121 
HIS N   CA   sing N N 122 
HIS N   H    sing N N 123 
HIS N   H2   sing N N 124 
HIS CA  C    sing N N 125 
HIS CA  CB   sing N N 126 
HIS CA  HA   sing N N 127 
HIS C   O    doub N N 128 
HIS C   OXT  sing N N 129 
HIS CB  CG   sing N N 130 
HIS CB  HB2  sing N N 131 
HIS CB  HB3  sing N N 132 
HIS CG  ND1  sing Y N 133 
HIS CG  CD2  doub Y N 134 
HIS ND1 CE1  doub Y N 135 
HIS ND1 HD1  sing N N 136 
HIS CD2 NE2  sing Y N 137 
HIS CD2 HD2  sing N N 138 
HIS CE1 NE2  sing Y N 139 
HIS CE1 HE1  sing N N 140 
HIS NE2 HE2  sing N N 141 
HIS OXT HXT  sing N N 142 
HOH O   H1   sing N N 143 
HOH O   H2   sing N N 144 
ILE N   CA   sing N N 145 
ILE N   H    sing N N 146 
ILE N   H2   sing N N 147 
ILE CA  C    sing N N 148 
ILE CA  CB   sing N N 149 
ILE CA  HA   sing N N 150 
ILE C   O    doub N N 151 
ILE C   OXT  sing N N 152 
ILE CB  CG1  sing N N 153 
ILE CB  CG2  sing N N 154 
ILE CB  HB   sing N N 155 
ILE CG1 CD1  sing N N 156 
ILE CG1 HG12 sing N N 157 
ILE CG1 HG13 sing N N 158 
ILE CG2 HG21 sing N N 159 
ILE CG2 HG22 sing N N 160 
ILE CG2 HG23 sing N N 161 
ILE CD1 HD11 sing N N 162 
ILE CD1 HD12 sing N N 163 
ILE CD1 HD13 sing N N 164 
ILE OXT HXT  sing N N 165 
LEU N   CA   sing N N 166 
LEU N   H    sing N N 167 
LEU N   H2   sing N N 168 
LEU CA  C    sing N N 169 
LEU CA  CB   sing N N 170 
LEU CA  HA   sing N N 171 
LEU C   O    doub N N 172 
LEU C   OXT  sing N N 173 
LEU CB  CG   sing N N 174 
LEU CB  HB2  sing N N 175 
LEU CB  HB3  sing N N 176 
LEU CG  CD1  sing N N 177 
LEU CG  CD2  sing N N 178 
LEU CG  HG   sing N N 179 
LEU CD1 HD11 sing N N 180 
LEU CD1 HD12 sing N N 181 
LEU CD1 HD13 sing N N 182 
LEU CD2 HD21 sing N N 183 
LEU CD2 HD22 sing N N 184 
LEU CD2 HD23 sing N N 185 
LEU OXT HXT  sing N N 186 
LYS N   CA   sing N N 187 
LYS N   H    sing N N 188 
LYS N   H2   sing N N 189 
LYS CA  C    sing N N 190 
LYS CA  CB   sing N N 191 
LYS CA  HA   sing N N 192 
LYS C   O    doub N N 193 
LYS C   OXT  sing N N 194 
LYS CB  CG   sing N N 195 
LYS CB  HB2  sing N N 196 
LYS CB  HB3  sing N N 197 
LYS CG  CD   sing N N 198 
LYS CG  HG2  sing N N 199 
LYS CG  HG3  sing N N 200 
LYS CD  CE   sing N N 201 
LYS CD  HD2  sing N N 202 
LYS CD  HD3  sing N N 203 
LYS CE  NZ   sing N N 204 
LYS CE  HE2  sing N N 205 
LYS CE  HE3  sing N N 206 
LYS NZ  HZ1  sing N N 207 
LYS NZ  HZ2  sing N N 208 
LYS NZ  HZ3  sing N N 209 
LYS OXT HXT  sing N N 210 
MET N   CA   sing N N 211 
MET N   H    sing N N 212 
MET N   H2   sing N N 213 
MET CA  C    sing N N 214 
MET CA  CB   sing N N 215 
MET CA  HA   sing N N 216 
MET C   O    doub N N 217 
MET C   OXT  sing N N 218 
MET CB  CG   sing N N 219 
MET CB  HB2  sing N N 220 
MET CB  HB3  sing N N 221 
MET CG  SD   sing N N 222 
MET CG  HG2  sing N N 223 
MET CG  HG3  sing N N 224 
MET SD  CE   sing N N 225 
MET CE  HE1  sing N N 226 
MET CE  HE2  sing N N 227 
MET CE  HE3  sing N N 228 
MET OXT HXT  sing N N 229 
SER N   CA   sing N N 230 
SER N   H    sing N N 231 
SER N   H2   sing N N 232 
SER CA  C    sing N N 233 
SER CA  CB   sing N N 234 
SER CA  HA   sing N N 235 
SER C   O    doub N N 236 
SER C   OXT  sing N N 237 
SER CB  OG   sing N N 238 
SER CB  HB2  sing N N 239 
SER CB  HB3  sing N N 240 
SER OG  HG   sing N N 241 
SER OXT HXT  sing N N 242 
TA4 O   C    doub N N 243 
TA4 C   CA   sing N N 244 
TA4 C   OXT  sing N N 245 
TA4 CA  CB   sing N N 246 
TA4 CA  NT1  sing N N 247 
TA4 CA  HA   sing N N 248 
TA4 CB  CG   sing N N 249 
TA4 CB  HB2  sing N N 250 
TA4 CB  HB3  sing N N 251 
TA4 CG  CD2  sing N N 252 
TA4 CG  CD1  sing N N 253 
TA4 CG  HG   sing N N 254 
TA4 CD2 HD21 sing N N 255 
TA4 CD2 HD22 sing N N 256 
TA4 CD2 HD23 sing N N 257 
TA4 CD1 HD11 sing N N 258 
TA4 CD1 HD12 sing N N 259 
TA4 CD1 HD13 sing N N 260 
TA4 NT1 CT5  sing Y N 261 
TA4 NT1 NT2  sing Y N 262 
TA4 CT5 CT4  doub Y N 263 
TA4 CT5 HT5  sing N N 264 
TA4 CT4 NT3  sing Y N 265 
TA4 CT4 CT6  sing N N 266 
TA4 NT3 NT2  doub Y N 267 
TA4 CT6 N    sing N N 268 
TA4 CT6 HT61 sing N N 269 
TA4 CT6 HT62 sing N N 270 
TA4 N   H    sing N N 271 
TA4 N   H2   sing N N 272 
TA4 OXT HXT  sing N N 273 
TYR N   CA   sing N N 274 
TYR N   H    sing N N 275 
TYR N   H2   sing N N 276 
TYR CA  C    sing N N 277 
TYR CA  CB   sing N N 278 
TYR CA  HA   sing N N 279 
TYR C   O    doub N N 280 
TYR C   OXT  sing N N 281 
TYR CB  CG   sing N N 282 
TYR CB  HB2  sing N N 283 
TYR CB  HB3  sing N N 284 
TYR CG  CD1  doub Y N 285 
TYR CG  CD2  sing Y N 286 
TYR CD1 CE1  sing Y N 287 
TYR CD1 HD1  sing N N 288 
TYR CD2 CE2  doub Y N 289 
TYR CD2 HD2  sing N N 290 
TYR CE1 CZ   doub Y N 291 
TYR CE1 HE1  sing N N 292 
TYR CE2 CZ   sing Y N 293 
TYR CE2 HE2  sing N N 294 
TYR CZ  OH   sing N N 295 
TYR OH  HH   sing N N 296 
TYR OXT HXT  sing N N 297 
# 
_atom_sites.entry_id                    1U9H 
_atom_sites.fract_transf_matrix[1][1]   0.00821401 
_atom_sites.fract_transf_matrix[1][2]   -0.00369954 
_atom_sites.fract_transf_matrix[1][3]   -0.02009726 
_atom_sites.fract_transf_matrix[2][1]   0.01517627 
_atom_sites.fract_transf_matrix[2][2]   0.01560938 
_atom_sites.fract_transf_matrix[2][3]   0.00332934 
_atom_sites.fract_transf_matrix[3][1]   0.00683358 
_atom_sites.fract_transf_matrix[3][2]   -0.00753556 
_atom_sites.fract_transf_matrix[3][3]   0.00418013 
_atom_sites.fract_transf_vector[1]      0.115657 
_atom_sites.fract_transf_vector[2]      -0.045701 
_atom_sites.fract_transf_vector[3]      0.506191 
# 
loop_
_atom_type.symbol 
C 
N 
O 
S 
# 
loop_
_atom_site.group_PDB 
_atom_site.id 
_atom_site.type_symbol 
_atom_site.label_atom_id 
_atom_site.label_alt_id 
_atom_site.label_comp_id 
_atom_site.label_asym_id 
_atom_site.label_entity_id 
_atom_site.label_seq_id 
_atom_site.pdbx_PDB_ins_code 
_atom_site.Cartn_x 
_atom_site.Cartn_y 
_atom_site.Cartn_z 
_atom_site.occupancy 
_atom_site.B_iso_or_equiv 
_atom_site.pdbx_formal_charge 
_atom_site.auth_seq_id 
_atom_site.auth_comp_id 
_atom_site.auth_asym_id 
_atom_site.auth_atom_id 
_atom_site.pdbx_PDB_model_num 
HETATM 1   C C   . ACE A 1 1  ? 19.645  9.409   8.543   1.00 41.29 ? 0  ACE A C   1 
HETATM 2   O O   . ACE A 1 1  ? 19.039  8.472   8.077   1.00 42.16 ? 0  ACE A O   1 
HETATM 3   C CH3 . ACE A 1 1  ? 21.094  9.621   8.171   1.00 41.44 ? 0  ACE A CH3 1 
ATOM   4   N N   . ARG A 1 2  ? 19.073  10.246  9.390   1.00 41.66 ? 1  ARG A N   1 
ATOM   5   C CA  . ARG A 1 2  ? 17.688  10.058  9.741   1.00 42.02 ? 1  ARG A CA  1 
ATOM   6   C C   . ARG A 1 2  ? 16.765  10.316  8.566   1.00 41.91 ? 1  ARG A C   1 
ATOM   7   O O   . ARG A 1 2  ? 15.680  9.805   8.529   1.00 42.17 ? 1  ARG A O   1 
ATOM   8   C CB  . ARG A 1 2  ? 17.316  10.927  10.914  1.00 42.88 ? 1  ARG A CB  1 
ATOM   9   C CG  . ARG A 1 2  ? 17.711  10.257  12.206  1.00 44.71 ? 1  ARG A CG  1 
ATOM   10  C CD  . ARG A 1 2  ? 17.712  11.164  13.402  1.00 49.13 ? 1  ARG A CD  1 
ATOM   11  N NE  . ARG A 1 2  ? 16.406  11.311  14.013  1.00 50.33 ? 1  ARG A NE  1 
ATOM   12  C CZ  . ARG A 1 2  ? 16.201  12.003  15.113  1.00 51.68 ? 1  ARG A CZ  1 
ATOM   13  N NH1 . ARG A 1 2  ? 14.977  12.081  15.625  1.00 51.02 ? 1  ARG A NH1 1 
ATOM   14  N NH2 . ARG A 1 2  ? 17.223  12.621  15.713  1.00 52.62 ? 1  ARG A NH2 1 
ATOM   15  N N   . MET A 1 3  ? 17.214  11.088  7.593   1.00 41.24 ? 2  MET A N   1 
ATOM   16  C CA  . MET A 1 3  ? 16.362  11.464  6.478   1.00 41.02 ? 2  MET A CA  1 
ATOM   17  C C   . MET A 1 3  ? 16.244  10.264  5.577   1.00 40.35 ? 2  MET A C   1 
ATOM   18  O O   . MET A 1 3  ? 15.180  9.923   5.139   1.00 40.57 ? 2  MET A O   1 
ATOM   19  C CB  . MET A 1 3  ? 17.000  12.638  5.752   1.00 41.15 ? 2  MET A CB  1 
ATOM   20  C CG  . MET A 1 3  ? 16.200  13.339  4.699   1.00 42.05 ? 2  MET A CG  1 
ATOM   21  S SD  . MET A 1 3  ? 14.602  13.880  5.212   1.00 46.99 ? 2  MET A SD  1 
ATOM   22  C CE  . MET A 1 3  ? 14.902  14.912  6.626   1.00 45.82 ? 2  MET A CE  1 
ATOM   23  N N   . LYS A 1 4  ? 17.355  9.586   5.341   1.00 39.64 ? 3  LYS A N   1 
ATOM   24  C CA  . LYS A 1 4  ? 17.379  8.429   4.492   1.00 38.74 ? 3  LYS A CA  1 
ATOM   25  C C   . LYS A 1 4  ? 16.679  7.215   5.106   1.00 37.60 ? 3  LYS A C   1 
ATOM   26  O O   . LYS A 1 4  ? 16.053  6.460   4.412   1.00 36.04 ? 3  LYS A O   1 
ATOM   27  C CB  . LYS A 1 4  ? 18.829  8.119   4.127   1.00 39.33 ? 3  LYS A CB  1 
ATOM   28  C CG  . LYS A 1 4  ? 18.996  7.098   3.053   1.00 41.11 ? 3  LYS A CG  1 
ATOM   29  C CD  . LYS A 1 4  ? 19.409  5.748   3.611   1.00 43.93 ? 3  LYS A CD  1 
ATOM   30  N N   . GLN A 1 5  ? 16.813  7.036   6.402   1.00 37.11 ? 4  GLN A N   1 
ATOM   31  C CA  . GLN A 1 5  ? 16.017  6.099   7.152   1.00 37.53 ? 4  GLN A CA  1 
ATOM   32  C C   . GLN A 1 5  ? 14.526  6.329   6.871   1.00 37.59 ? 4  GLN A C   1 
ATOM   33  O O   . GLN A 1 5  ? 13.791  5.379   6.628   1.00 38.86 ? 4  GLN A O   1 
ATOM   34  C CB  . GLN A 1 5  ? 16.348  6.258   8.637   1.00 38.41 ? 4  GLN A CB  1 
ATOM   35  C CG  . GLN A 1 5  ? 15.467  5.497   9.632   1.00 41.57 ? 4  GLN A CG  1 
ATOM   36  C CD  . GLN A 1 5  ? 14.590  6.420   10.514  1.00 45.63 ? 4  GLN A CD  1 
ATOM   37  O OE1 . GLN A 1 5  ? 15.092  7.419   11.081  1.00 46.32 ? 4  GLN A OE1 1 
ATOM   38  N NE2 . GLN A 1 5  ? 13.280  6.085   10.627  1.00 41.95 ? 4  GLN A NE2 1 
ATOM   39  N N   . ILE A 1 6  ? 14.089  7.582   6.866   1.00 36.47 ? 5  ILE A N   1 
ATOM   40  C CA  . ILE A 1 6  ? 12.687  7.930   6.650   1.00 35.67 ? 5  ILE A CA  1 
ATOM   41  C C   . ILE A 1 6  ? 12.259  7.646   5.230   1.00 34.65 ? 5  ILE A C   1 
ATOM   42  O O   . ILE A 1 6  ? 11.163  7.148   4.995   1.00 35.03 ? 5  ILE A O   1 
ATOM   43  C CB  . ILE A 1 6  ? 12.455  9.422   6.981   1.00 35.96 ? 5  ILE A CB  1 
ATOM   44  C CG1 . ILE A 1 6  ? 12.211  9.587   8.484   1.00 37.63 ? 5  ILE A CG1 1 
ATOM   45  C CG2 . ILE A 1 6  ? 11.279  9.995   6.220   1.00 35.82 ? 5  ILE A CG2 1 
ATOM   46  C CD1 . ILE A 1 6  ? 12.404  10.983  8.969   1.00 36.28 ? 5  ILE A CD1 1 
ATOM   47  N N   . GLU A 1 7  ? 13.130  7.965   4.292   1.00 33.30 ? 6  GLU A N   1 
ATOM   48  C CA  . GLU A 1 7  ? 12.887  7.711   2.916   1.00 33.64 ? 6  GLU A CA  1 
ATOM   49  C C   . GLU A 1 7  ? 12.838  6.243   2.659   1.00 33.94 ? 6  GLU A C   1 
ATOM   50  O O   . GLU A 1 7  ? 12.076  5.819   1.824   1.00 34.59 ? 6  GLU A O   1 
ATOM   51  C CB  . GLU A 1 7  ? 13.981  8.315   2.067   1.00 33.55 ? 6  GLU A CB  1 
ATOM   52  C CG  . GLU A 1 7  ? 14.069  9.824   2.143   1.00 34.86 ? 6  GLU A CG  1 
ATOM   53  C CD  . GLU A 1 7  ? 15.334  10.357  1.490   1.00 34.37 ? 6  GLU A CD  1 
ATOM   54  O OE1 . GLU A 1 7  ? 15.290  11.459  0.949   1.00 37.49 ? 6  GLU A OE1 1 
ATOM   55  O OE2 . GLU A 1 7  ? 16.368  9.671   1.504   1.00 41.92 ? 6  GLU A OE2 1 
ATOM   56  N N   . ASP A 1 8  ? 13.645  5.446   3.352   1.00 33.19 ? 7  ASP A N   1 
ATOM   57  C CA  . ASP A 1 8  ? 13.497  4.005   3.231   1.00 33.31 ? 7  ASP A CA  1 
ATOM   58  C C   . ASP A 1 8  ? 12.178  3.462   3.767   1.00 32.26 ? 7  ASP A C   1 
ATOM   59  O O   . ASP A 1 8  ? 11.597  2.592   3.195   1.00 32.10 ? 7  ASP A O   1 
ATOM   60  C CB  . ASP A 1 8  ? 14.686  3.295   3.881   1.00 33.73 ? 7  ASP A CB  1 
ATOM   61  C CG  . ASP A 1 8  ? 15.971  3.485   3.082   1.00 36.63 ? 7  ASP A CG  1 
ATOM   62  O OD1 . ASP A 1 8  ? 15.924  4.154   2.043   1.00 39.13 ? 7  ASP A OD1 1 
ATOM   63  O OD2 . ASP A 1 8  ? 17.070  3.007   3.402   1.00 43.11 ? 7  ASP A OD2 1 
ATOM   64  N N   . LYS A 1 9  ? 11.717  3.985   4.890   1.00 32.63 ? 8  LYS A N   1 
ATOM   65  C CA  . LYS A 1 9  ? 10.464  3.571   5.493   1.00 31.89 ? 8  LYS A CA  1 
ATOM   66  C C   . LYS A 1 9  ? 9.312   3.928   4.538   1.00 30.45 ? 8  LYS A C   1 
ATOM   67  O O   . LYS A 1 9  ? 8.428   3.137   4.344   1.00 30.98 ? 8  LYS A O   1 
ATOM   68  C CB  . LYS A 1 9  ? 10.373  4.195   6.897   1.00 32.55 ? 8  LYS A CB  1 
ATOM   69  C CG  . LYS A 1 9  ? 9.425   3.582   7.936   1.00 33.28 ? 8  LYS A CG  1 
ATOM   70  C CD  . LYS A 1 9  ? 9.519   2.086   8.114   1.00 35.67 ? 8  LYS A CD  1 
ATOM   71  C CE  . LYS A 1 9  ? 10.788  1.637   8.821   1.00 36.38 ? 8  LYS A CE  1 
ATOM   72  N NZ  . LYS A 1 9  ? 10.795  0.134   9.003   1.00 37.59 ? 8  LYS A NZ  1 
ATOM   73  N N   . LEU A 1 10 ? 9.354   5.067   3.873   1.00 29.99 ? 9  LEU A N   1 
ATOM   74  C CA  . LEU A 1 10 ? 8.323   5.407   2.906   1.00 29.15 ? 9  LEU A CA  1 
ATOM   75  C C   . LEU A 1 10 ? 8.241   4.405   1.808   1.00 28.58 ? 9  LEU A C   1 
ATOM   76  O O   . LEU A 1 10 ? 7.187   4.035   1.407   1.00 27.02 ? 9  LEU A O   1 
ATOM   77  C CB  . LEU A 1 10 ? 8.544   6.777   2.293   1.00 29.16 ? 9  LEU A CB  1 
ATOM   78  C CG  . LEU A 1 10 ? 8.319   7.914   3.265   1.00 28.97 ? 9  LEU A CG  1 
ATOM   79  C CD1 . LEU A 1 10 ? 8.632   9.199   2.625   1.00 28.94 ? 9  LEU A CD1 1 
ATOM   80  C CD2 . LEU A 1 10 ? 6.941   7.939   3.814   1.00 26.54 ? 9  LEU A CD2 1 
ATOM   81  N N   . GLU A 1 11 ? 9.370   3.916   1.355   1.00 29.57 ? 10 GLU A N   1 
ATOM   82  C CA  . GLU A 1 11 ? 9.380   2.897   0.310   1.00 30.91 ? 10 GLU A CA  1 
ATOM   83  C C   . GLU A 1 11 ? 8.869   1.517   0.751   1.00 29.95 ? 10 GLU A C   1 
ATOM   84  O O   . GLU A 1 11 ? 8.152   0.859   0.001   1.00 28.44 ? 10 GLU A O   1 
ATOM   85  C CB  . GLU A 1 11 ? 10.781  2.797   -0.289  1.00 31.70 ? 10 GLU A CB  1 
ATOM   86  C CG  . GLU A 1 11 ? 11.262  4.075   -0.936  1.00 33.31 ? 10 GLU A CG  1 
ATOM   87  C CD  . GLU A 1 11 ? 10.348  4.539   -2.062  1.00 39.91 ? 10 GLU A CD  1 
ATOM   88  O OE1 . GLU A 1 11 ? 9.760   3.678   -2.771  1.00 41.56 ? 10 GLU A OE1 1 
ATOM   89  O OE2 . GLU A 1 11 ? 10.210  5.782   -2.238  1.00 43.29 ? 10 GLU A OE2 1 
ATOM   90  N N   . GLU A 1 12 ? 9.226   1.095   1.958   1.00 30.81 ? 11 GLU A N   1 
ATOM   91  C CA  . GLU A 1 12 ? 8.686   -0.140  2.569   1.00 31.29 ? 11 GLU A CA  1 
ATOM   92  C C   . GLU A 1 12 ? 7.199   -0.011  2.735   1.00 30.23 ? 11 GLU A C   1 
ATOM   93  O O   . GLU A 1 12 ? 6.483   -0.973  2.642   1.00 29.56 ? 11 GLU A O   1 
ATOM   94  C CB  . GLU A 1 12 ? 9.303   -0.438  3.960   1.00 31.34 ? 11 GLU A CB  1 
ATOM   95  C CG  . GLU A 1 12 ? 10.807  -0.597  3.981   1.00 33.95 ? 11 GLU A CG  1 
ATOM   96  C CD  . GLU A 1 12 ? 11.486  -0.358  5.354   1.00 33.89 ? 11 GLU A CD  1 
ATOM   97  O OE1 . GLU A 1 12 ? 10.875  -0.656  6.369   1.00 34.37 ? 11 GLU A OE1 1 
ATOM   98  O OE2 . GLU A 1 12 ? 12.662  0.138   5.399   1.00 38.64 ? 11 GLU A OE2 1 
ATOM   99  N N   . ILE A 1 13 ? 6.737   1.203   3.023   1.00 30.54 ? 12 ILE A N   1 
ATOM   100 C CA  . ILE A 1 13 ? 5.314   1.461   3.180   1.00 29.09 ? 12 ILE A CA  1 
ATOM   101 C C   . ILE A 1 13 ? 4.629   1.395   1.857   1.00 28.76 ? 12 ILE A C   1 
ATOM   102 O O   . ILE A 1 13 ? 3.585   0.807   1.788   1.00 29.59 ? 12 ILE A O   1 
ATOM   103 C CB  . ILE A 1 13 ? 4.991   2.776   3.868   1.00 29.44 ? 12 ILE A CB  1 
ATOM   104 C CG1 . ILE A 1 13 ? 5.271   2.687   5.365   1.00 28.04 ? 12 ILE A CG1 1 
ATOM   105 C CG2 . ILE A 1 13 ? 3.496   3.111   3.722   1.00 30.06 ? 12 ILE A CG2 1 
ATOM   106 C CD1 . ILE A 1 13 ? 5.202   4.009   6.105   1.00 27.83 ? 12 ILE A CD1 1 
ATOM   107 N N   . LEU A 1 14 ? 5.224   1.915   0.798   1.00 27.80 ? 13 LEU A N   1 
ATOM   108 C CA  . LEU A 1 14 ? 4.621   1.760   -0.539  1.00 27.90 ? 13 LEU A CA  1 
ATOM   109 C C   . LEU A 1 14 ? 4.590   0.351   -1.101  1.00 28.16 ? 13 LEU A C   1 
ATOM   110 O O   . LEU A 1 14 ? 3.602   -0.046  -1.727  1.00 28.93 ? 13 LEU A O   1 
ATOM   111 C CB  . LEU A 1 14 ? 5.251   2.694   -1.565  1.00 28.10 ? 13 LEU A CB  1 
ATOM   112 C CG  . LEU A 1 14 ? 4.968   4.163   -1.229  1.00 24.29 ? 13 LEU A CG  1 
ATOM   113 C CD1 . LEU A 1 14 ? 5.974   4.994   -1.857  1.00 24.73 ? 13 LEU A CD1 1 
ATOM   114 C CD2 . LEU A 1 14 ? 3.572   4.613   -1.599  1.00 20.80 ? 13 LEU A CD2 1 
ATOM   115 N N   . SER A 1 15 ? 5.665   -0.401  -0.906  1.00 29.54 ? 14 SER A N   1 
ATOM   116 C CA  . SER A 1 15 ? 5.695   -1.832  -1.227  1.00 29.41 ? 14 SER A CA  1 
ATOM   117 C C   . SER A 1 15 ? 4.617   -2.596  -0.464  1.00 29.24 ? 14 SER A C   1 
ATOM   118 O O   . SER A 1 15 ? 3.891   -3.344  -1.039  1.00 31.45 ? 14 SER A O   1 
ATOM   119 C CB  . SER A 1 15 ? 7.030   -2.460  -0.859  1.00 29.68 ? 14 SER A CB  1 
ATOM   120 O OG  . SER A 1 15 ? 8.146   -1.890  -1.537  1.00 32.32 ? 14 SER A OG  1 
ATOM   121 N N   . LYS A 1 16 ? 4.548   -2.444  0.842   1.00 28.95 ? 15 LYS A N   1 
ATOM   122 C CA  . LYS A 1 16 ? 3.472   -3.047  1.630   1.00 29.01 ? 15 LYS A CA  1 
ATOM   123 C C   . LYS A 1 16 ? 2.071   -2.768  1.128   1.00 30.24 ? 15 LYS A C   1 
ATOM   124 O O   . LYS A 1 16 ? 1.274   -3.659  1.099   1.00 31.36 ? 15 LYS A O   1 
ATOM   125 C CB  . LYS A 1 16 ? 3.606   -2.647  3.092   1.00 29.02 ? 15 LYS A CB  1 
ATOM   126 C CG  . LYS A 1 16 ? 2.653   -3.326  4.117   1.00 27.81 ? 15 LYS A CG  1 
ATOM   127 C CD  . LYS A 1 16 ? 2.504   -4.842  3.917   1.00 27.09 ? 15 LYS A CD  1 
ATOM   128 C CE  . LYS A 1 16 ? 3.761   -5.611  4.162   1.00 26.66 ? 15 LYS A CE  1 
ATOM   129 N NZ  . LYS A 1 16 ? 3.682   -7.109  3.854   1.00 25.46 ? 15 LYS A NZ  1 
ATOM   130 N N   . LEU A 1 17 ? 1.758   -1.548  0.727   1.00 31.81 ? 16 LEU A N   1 
ATOM   131 C CA  . LEU A 1 17 ? 0.428   -1.207  0.185   1.00 32.34 ? 16 LEU A CA  1 
ATOM   132 C C   . LEU A 1 17 ? 0.216   -1.867  -1.126  1.00 33.64 ? 16 LEU A C   1 
ATOM   133 O O   . LEU A 1 17 ? -0.874  -2.270  -1.437  1.00 33.26 ? 16 LEU A O   1 
ATOM   134 C CB  . LEU A 1 17 ? 0.306   0.273   -0.061  1.00 32.13 ? 16 LEU A CB  1 
ATOM   135 C CG  . LEU A 1 17 ? 0.364   1.168   1.177   1.00 31.40 ? 16 LEU A CG  1 
ATOM   136 C CD1 . LEU A 1 17 ? 0.694   2.550   0.733   1.00 31.08 ? 16 LEU A CD1 1 
ATOM   137 C CD2 . LEU A 1 17 ? -0.918  1.177   1.868   1.00 29.10 ? 16 LEU A CD2 1 
ATOM   138 N N   . TYR A 1 18 ? 1.273   -1.984  -1.902  1.00 35.63 ? 17 TYR A N   1 
ATOM   139 C CA  . TYR A 1 18 ? 1.210   -2.759  -3.124  1.00 36.84 ? 17 TYR A CA  1 
ATOM   140 C C   . TYR A 1 18 ? 0.791   -4.191  -2.838  1.00 37.56 ? 17 TYR A C   1 
ATOM   141 O O   . TYR A 1 18 ? -0.176  -4.676  -3.402  1.00 38.13 ? 17 TYR A O   1 
ATOM   142 C CB  . TYR A 1 18 ? 2.541   -2.711  -3.865  1.00 38.28 ? 17 TYR A CB  1 
ATOM   143 C CG  . TYR A 1 18 ? 2.505   -3.483  -5.166  1.00 40.13 ? 17 TYR A CG  1 
ATOM   144 C CD1 . TYR A 1 18 ? 2.238   -2.833  -6.384  1.00 42.07 ? 17 TYR A CD1 1 
ATOM   145 C CD2 . TYR A 1 18 ? 2.711   -4.870  -5.182  1.00 43.22 ? 17 TYR A CD2 1 
ATOM   146 C CE1 . TYR A 1 18 ? 2.179   -3.540  -7.584  1.00 41.75 ? 17 TYR A CE1 1 
ATOM   147 C CE2 . TYR A 1 18 ? 2.647   -5.596  -6.387  1.00 43.24 ? 17 TYR A CE2 1 
ATOM   148 C CZ  . TYR A 1 18 ? 2.385   -4.912  -7.578  1.00 41.99 ? 17 TYR A CZ  1 
ATOM   149 O OH  . TYR A 1 18 ? 2.331   -5.611  -8.750  1.00 43.68 ? 17 TYR A OH  1 
ATOM   150 N N   . HIS A 1 19 ? 1.478   -4.867  -1.924  1.00 39.16 ? 18 HIS A N   1 
ATOM   151 C CA  . HIS A 1 19 ? 1.081   -6.238  -1.537  1.00 38.60 ? 18 HIS A CA  1 
ATOM   152 C C   . HIS A 1 19 ? -0.332  -6.309  -1.010  1.00 37.95 ? 18 HIS A C   1 
ATOM   153 O O   . HIS A 1 19 ? -1.002  -7.271  -1.224  1.00 38.00 ? 18 HIS A O   1 
ATOM   154 C CB  . HIS A 1 19 ? 1.944   -6.838  -0.415  1.00 39.70 ? 18 HIS A CB  1 
ATOM   155 C CG  . HIS A 1 19 ? 3.425   -6.679  -0.585  1.00 41.81 ? 18 HIS A CG  1 
ATOM   156 N ND1 . HIS A 1 19 ? 4.296   -6.760  0.490   1.00 43.19 ? 18 HIS A ND1 1 
ATOM   157 C CD2 . HIS A 1 19 ? 4.194   -6.463  -1.683  1.00 44.14 ? 18 HIS A CD2 1 
ATOM   158 C CE1 . HIS A 1 19 ? 5.537   -6.583  0.061   1.00 46.00 ? 18 HIS A CE1 1 
ATOM   159 N NE2 . HIS A 1 19 ? 5.503   -6.392  -1.251  1.00 47.16 ? 18 HIS A NE2 1 
ATOM   160 N N   . ILE A 1 20 ? -0.749  -5.372  -0.192  1.00 37.81 ? 19 ILE A N   1 
ATOM   161 C CA  . ILE A 1 20 ? -2.123  -5.366  0.275   1.00 37.25 ? 19 ILE A CA  1 
ATOM   162 C C   . ILE A 1 20 ? -3.092  -5.257  -0.906  1.00 39.21 ? 19 ILE A C   1 
ATOM   163 O O   . ILE A 1 20 ? -4.006  -6.073  -1.047  1.00 39.03 ? 19 ILE A O   1 
ATOM   164 C CB  . ILE A 1 20 ? -2.375  -4.269  1.343   1.00 37.14 ? 19 ILE A CB  1 
ATOM   165 C CG1 . ILE A 1 20 ? -1.490  -4.501  2.590   1.00 35.73 ? 19 ILE A CG1 1 
ATOM   166 C CG2 . ILE A 1 20 ? -3.834  -4.291  1.768   1.00 35.73 ? 19 ILE A CG2 1 
ATOM   167 C CD1 . ILE A 1 20 ? -1.646  -3.485  3.732   1.00 34.15 ? 19 ILE A CD1 1 
ATOM   168 N N   . GLU A 1 21 ? -2.863  -4.272  -1.768  1.00 40.77 ? 20 GLU A N   1 
ATOM   169 C CA  . GLU A 1 21 ? -3.759  -3.994  -2.891  1.00 42.28 ? 20 GLU A CA  1 
ATOM   170 C C   . GLU A 1 21 ? -4.040  -5.342  -3.552  1.00 42.64 ? 20 GLU A C   1 
ATOM   171 O O   . GLU A 1 21 ? -5.160  -5.843  -3.580  1.00 42.32 ? 20 GLU A O   1 
ATOM   172 C CB  . GLU A 1 21 ? -3.081  -3.005  -3.874  1.00 42.57 ? 20 GLU A CB  1 
ATOM   173 C CG  . GLU A 1 21 ? -3.877  -1.763  -4.221  1.00 44.81 ? 20 GLU A CG  1 
ATOM   174 C CD  . GLU A 1 21 ? -3.144  -0.408  -4.050  1.00 48.77 ? 20 GLU A CD  1 
ATOM   175 O OE1 . GLU A 1 21 ? -3.887  0.615   -3.905  1.00 49.75 ? 20 GLU A OE1 1 
ATOM   176 O OE2 . GLU A 1 21 ? -1.868  -0.319  -4.054  1.00 49.54 ? 20 GLU A OE2 1 
ATOM   177 N N   . ASN A 1 22 ? -2.967  -5.967  -4.000  1.00 43.46 ? 21 ASN A N   1 
ATOM   178 C CA  . ASN A 1 22 ? -3.036  -7.125  -4.882  1.00 44.04 ? 21 ASN A CA  1 
ATOM   179 C C   . ASN A 1 22 ? -3.201  -8.450  -4.104  1.00 44.41 ? 21 ASN A C   1 
ATOM   180 O O   . ASN A 1 22 ? -3.378  -9.530  -4.681  1.00 45.26 ? 21 ASN A O   1 
ATOM   181 C CB  . ASN A 1 22 ? -1.825  -7.042  -5.806  1.00 44.11 ? 21 ASN A CB  1 
ATOM   182 C CG  . ASN A 1 22 ? -1.879  -5.777  -6.679  1.00 44.80 ? 21 ASN A CG  1 
ATOM   183 O OD1 . ASN A 1 22 ? -2.572  -5.755  -7.690  1.00 47.39 ? 21 ASN A OD1 1 
ATOM   184 N ND2 . ASN A 1 22 ? -1.202  -4.716  -6.259  1.00 40.79 ? 21 ASN A ND2 1 
HETATM 185 O O   . TA4 A 1 23 ? -5.103  -12.280 1.919   1.00 43.86 ? 22 TA4 A O   1 
HETATM 186 C C   . TA4 A 1 23 ? -4.704  -11.403 2.688   1.00 43.61 ? 22 TA4 A C   1 
HETATM 187 C CA  . TA4 A 1 23 ? -4.910  -9.929  2.344   1.00 43.84 ? 22 TA4 A CA  1 
HETATM 188 C CB  . TA4 A 1 23 ? -6.219  -9.364  2.906   1.00 43.32 ? 22 TA4 A CB  1 
HETATM 189 C CG  . TA4 A 1 23 ? -6.055  -8.108  3.751   1.00 43.36 ? 22 TA4 A CG  1 
HETATM 190 C CD2 . TA4 A 1 23 ? -5.262  -6.984  3.089   1.00 41.00 ? 22 TA4 A CD2 1 
HETATM 191 C CD1 . TA4 A 1 23 ? -7.426  -7.620  4.159   1.00 44.01 ? 22 TA4 A CD1 1 
HETATM 192 N NT1 . TA4 A 1 23 ? -4.797  -9.727  0.883   1.00 43.38 ? 22 TA4 A NT1 1 
HETATM 193 C CT5 . TA4 A 1 23 ? -3.688  -9.859  0.152   1.00 44.24 ? 22 TA4 A CT5 1 
HETATM 194 C CT4 . TA4 A 1 23 ? -4.024  -9.618  -1.119  1.00 43.93 ? 22 TA4 A CT4 1 
HETATM 195 N NT3 . TA4 A 1 23 ? -5.348  -9.352  -1.162  1.00 45.10 ? 22 TA4 A NT3 1 
HETATM 196 N NT2 . TA4 A 1 23 ? -5.811  -9.419  0.067   1.00 43.02 ? 22 TA4 A NT2 1 
HETATM 197 C CT6 . TA4 A 1 23 ? -3.145  -9.633  -2.340  1.00 43.52 ? 22 TA4 A CT6 1 
HETATM 198 N N   . TA4 A 1 23 ? -2.877  -8.265  -2.825  1.00 44.41 ? 22 TA4 A N   1 
ATOM   199 N N   . ALA A 1 24 ? -4.072  -11.694 3.824   1.00 43.55 ? 23 ALA A N   1 
ATOM   200 C CA  . ALA A 1 24 ? -3.693  -13.079 4.140   1.00 43.75 ? 23 ALA A CA  1 
ATOM   201 C C   . ALA A 1 24 ? -4.917  -14.003 4.279   1.00 44.09 ? 23 ALA A C   1 
ATOM   202 O O   . ALA A 1 24 ? -4.980  -15.072 3.664   1.00 42.86 ? 23 ALA A O   1 
ATOM   203 C CB  . ALA A 1 24 ? -2.817  -13.129 5.407   1.00 43.39 ? 23 ALA A CB  1 
ATOM   204 N N   . ARG A 1 25 ? -5.885  -13.557 5.080   1.00 45.00 ? 24 ARG A N   1 
ATOM   205 C CA  . ARG A 1 25 ? -7.134  -14.285 5.318   1.00 45.79 ? 24 ARG A CA  1 
ATOM   206 C C   . ARG A 1 25 ? -8.064  -14.419 4.107   1.00 44.92 ? 24 ARG A C   1 
ATOM   207 O O   . ARG A 1 25 ? -8.772  -15.425 3.996   1.00 44.78 ? 24 ARG A O   1 
ATOM   208 C CB  . ARG A 1 25 ? -7.919  -13.616 6.456   1.00 46.43 ? 24 ARG A CB  1 
ATOM   209 C CG  . ARG A 1 25 ? -7.219  -13.635 7.804   1.00 50.68 ? 24 ARG A CG  1 
ATOM   210 C CD  . ARG A 1 25 ? -7.501  -14.875 8.642   1.00 57.86 ? 24 ARG A CD  1 
ATOM   211 N NE  . ARG A 1 25 ? -8.401  -14.637 9.782   1.00 61.07 ? 24 ARG A NE  1 
ATOM   212 C CZ  . ARG A 1 25 ? -9.257  -15.543 10.279  1.00 62.78 ? 24 ARG A CZ  1 
ATOM   213 N NH1 . ARG A 1 25 ? -9.372  -16.761 9.731   1.00 64.72 ? 24 ARG A NH1 1 
ATOM   214 N NH2 . ARG A 1 25 ? -10.019 -15.230 11.325  1.00 61.37 ? 24 ARG A NH2 1 
ATOM   215 N N   . ILE A 1 26 ? -8.120  -13.425 3.225   1.00 44.32 ? 25 ILE A N   1 
ATOM   216 C CA  . ILE A 1 26 ? -8.947  -13.618 2.032   1.00 44.77 ? 25 ILE A CA  1 
ATOM   217 C C   . ILE A 1 26 ? -8.237  -14.525 1.008   1.00 44.62 ? 25 ILE A C   1 
ATOM   218 O O   . ILE A 1 26 ? -8.875  -15.330 0.363   1.00 44.57 ? 25 ILE A O   1 
ATOM   219 C CB  . ILE A 1 26 ? -9.508  -12.303 1.388   1.00 44.26 ? 25 ILE A CB  1 
ATOM   220 C CG1 . ILE A 1 26 ? -8.842  -12.016 0.067   1.00 43.44 ? 25 ILE A CG1 1 
ATOM   221 C CG2 . ILE A 1 26 ? -9.453  -11.133 2.329   1.00 44.71 ? 25 ILE A CG2 1 
ATOM   222 C CD1 . ILE A 1 26 ? -9.435  -10.894 -0.633  1.00 44.29 ? 25 ILE A CD1 1 
ATOM   223 N N   . LYS A 1 27 ? -6.926  -14.405 0.859   1.00 44.72 ? 26 LYS A N   1 
ATOM   224 C CA  . LYS A 1 27 ? -6.151  -15.364 0.032   1.00 45.08 ? 26 LYS A CA  1 
ATOM   225 C C   . LYS A 1 27 ? -6.353  -16.821 0.517   1.00 45.05 ? 26 LYS A C   1 
ATOM   226 O O   . LYS A 1 27 ? -6.467  -17.754 -0.279  1.00 44.76 ? 26 LYS A O   1 
ATOM   227 C CB  . LYS A 1 27 ? -4.663  -15.008 0.074   1.00 45.41 ? 26 LYS A CB  1 
ATOM   228 C CG  . LYS A 1 27 ? -4.203  -14.072 -1.058  1.00 46.12 ? 26 LYS A CG  1 
ATOM   229 C CD  . LYS A 1 27 ? -2.835  -13.325 -0.823  1.00 46.99 ? 26 LYS A CD  1 
ATOM   230 C CE  . LYS A 1 27 ? -1.831  -14.005 0.122   1.00 48.37 ? 26 LYS A CE  1 
ATOM   231 N NZ  . LYS A 1 27 ? -0.990  -12.934 0.775   1.00 49.09 ? 26 LYS A NZ  1 
ATOM   232 N N   . LYS A 1 28 ? -6.403  -16.986 1.841   1.00 45.02 ? 27 LYS A N   1 
ATOM   233 C CA  . LYS A 1 28 ? -6.642  -18.270 2.492   1.00 44.85 ? 27 LYS A CA  1 
ATOM   234 C C   . LYS A 1 28 ? -8.053  -18.764 2.210   1.00 44.09 ? 27 LYS A C   1 
ATOM   235 O O   . LYS A 1 28 ? -8.264  -19.920 1.908   1.00 43.70 ? 27 LYS A O   1 
ATOM   236 C CB  . LYS A 1 28 ? -6.463  -18.084 4.001   1.00 44.98 ? 27 LYS A CB  1 
ATOM   237 C CG  . LYS A 1 28 ? -6.728  -19.316 4.840   1.00 45.84 ? 27 LYS A CG  1 
ATOM   238 C CD  . LYS A 1 28 ? -6.507  -19.039 6.327   1.00 45.68 ? 27 LYS A CD  1 
ATOM   239 C CE  . LYS A 1 28 ? -6.533  -20.363 7.103   1.00 47.20 ? 27 LYS A CE  1 
ATOM   240 N NZ  . LYS A 1 28 ? -6.753  -20.173 8.577   1.00 49.65 ? 27 LYS A NZ  1 
ATOM   241 N N   . LEU A 1 29 ? -9.007  -17.859 2.351   1.00 43.90 ? 28 LEU A N   1 
ATOM   242 C CA  . LEU A 1 29 ? -10.398 -18.115 2.071   1.00 44.06 ? 28 LEU A CA  1 
ATOM   243 C C   . LEU A 1 29 ? -10.565 -18.665 0.668   1.00 45.00 ? 28 LEU A C   1 
ATOM   244 O O   . LEU A 1 29 ? -11.193 -19.688 0.474   1.00 44.21 ? 28 LEU A O   1 
ATOM   245 C CB  . LEU A 1 29 ? -11.158 -16.813 2.195   1.00 43.75 ? 28 LEU A CB  1 
ATOM   246 C CG  . LEU A 1 29 ? -12.615 -16.803 1.790   1.00 44.19 ? 28 LEU A CG  1 
ATOM   247 C CD1 . LEU A 1 29 ? -13.324 -17.872 2.579   1.00 44.19 ? 28 LEU A CD1 1 
ATOM   248 C CD2 . LEU A 1 29 ? -13.225 -15.425 2.061   1.00 43.83 ? 28 LEU A CD2 1 
ATOM   249 N N   . LEU A 1 30 ? -9.963  -17.986 -0.302  1.00 46.64 ? 29 LEU A N   1 
ATOM   250 C CA  . LEU A 1 30 ? -10.134 -18.294 -1.736  1.00 48.25 ? 29 LEU A CA  1 
ATOM   251 C C   . LEU A 1 30 ? -9.168  -19.325 -2.332  1.00 49.44 ? 29 LEU A C   1 
ATOM   252 O O   . LEU A 1 30 ? -9.302  -19.670 -3.505  1.00 49.72 ? 29 LEU A O   1 
ATOM   253 C CB  . LEU A 1 30 ? -10.034 -17.009 -2.577  1.00 47.63 ? 29 LEU A CB  1 
ATOM   254 C CG  . LEU A 1 30 ? -10.892 -15.826 -2.110  1.00 46.98 ? 29 LEU A CG  1 
ATOM   255 C CD1 . LEU A 1 30 ? -10.591 -14.595 -2.909  1.00 47.29 ? 29 LEU A CD1 1 
ATOM   256 C CD2 . LEU A 1 30 ? -12.376 -16.156 -2.192  1.00 45.76 ? 29 LEU A CD2 1 
ATOM   257 N N   . GLY A 1 31 ? -8.221  -19.837 -1.551  1.00 51.14 ? 30 GLY A N   1 
ATOM   258 C CA  . GLY A 1 31 ? -7.186  -20.728 -2.097  1.00 51.98 ? 30 GLY A CA  1 
ATOM   259 C C   . GLY A 1 31 ? -6.373  -20.031 -3.182  1.00 54.44 ? 30 GLY A C   1 
ATOM   260 O O   . GLY A 1 31 ? -6.610  -20.242 -4.394  1.00 55.64 ? 30 GLY A O   1 
ATOM   261 N N   . GLU A 1 32 ? -5.417  -19.192 -2.772  1.00 55.73 ? 31 GLU A N   1 
ATOM   262 C CA  . GLU A 1 32 ? -4.600  -18.453 -3.736  1.00 56.78 ? 31 GLU A CA  1 
ATOM   263 C C   . GLU A 1 32 ? -3.122  -18.386 -3.385  1.00 56.71 ? 31 GLU A C   1 
ATOM   264 O O   . GLU A 1 32 ? -2.769  -18.032 -2.271  1.00 57.18 ? 31 GLU A O   1 
ATOM   265 C CB  . GLU A 1 32 ? -5.177  -17.070 -3.875  1.00 57.05 ? 31 GLU A CB  1 
ATOM   266 C CG  . GLU A 1 32 ? -6.475  -17.129 -4.643  1.00 58.74 ? 31 GLU A CG  1 
ATOM   267 C CD  . GLU A 1 32 ? -7.169  -15.800 -4.726  1.00 61.50 ? 31 GLU A CD  1 
ATOM   268 O OE1 . GLU A 1 32 ? -8.230  -15.777 -5.385  1.00 64.12 ? 31 GLU A OE1 1 
ATOM   269 O OE2 . GLU A 1 32 ? -6.668  -14.809 -4.143  1.00 61.65 ? 31 GLU A OE2 1 
HETATM 270 C C   . ACE B 1 1  ? 13.735  17.054  -2.571  1.00 48.20 ? 0  ACE B C   1 
HETATM 271 O O   . ACE B 1 1  ? 12.829  16.357  -3.010  1.00 48.65 ? 0  ACE B O   1 
HETATM 272 C CH3 . ACE B 1 1  ? 14.234  18.249  -3.353  1.00 48.37 ? 0  ACE B CH3 1 
ATOM   273 N N   . ARG B 1 2  ? 14.324  16.828  -1.403  1.00 47.85 ? 1  ARG B N   1 
ATOM   274 C CA  . ARG B 1 2  ? 14.108  15.588  -0.658  1.00 47.96 ? 1  ARG B CA  1 
ATOM   275 C C   . ARG B 1 2  ? 12.981  15.712  0.308   1.00 47.49 ? 1  ARG B C   1 
ATOM   276 O O   . ARG B 1 2  ? 12.362  14.716  0.661   1.00 47.46 ? 1  ARG B O   1 
ATOM   277 C CB  . ARG B 1 2  ? 15.362  15.165  0.105   1.00 47.77 ? 1  ARG B CB  1 
ATOM   278 C CG  . ARG B 1 2  ? 16.319  14.432  -0.785  1.00 48.54 ? 1  ARG B CG  1 
ATOM   279 C CD  . ARG B 1 2  ? 17.610  14.144  -0.147  1.00 50.47 ? 1  ARG B CD  1 
ATOM   280 N NE  . ARG B 1 2  ? 17.520  13.121  0.888   1.00 50.87 ? 1  ARG B NE  1 
ATOM   281 C CZ  . ARG B 1 2  ? 18.561  12.732  1.621   1.00 52.20 ? 1  ARG B CZ  1 
ATOM   282 N NH1 . ARG B 1 2  ? 19.759  13.296  1.436   1.00 52.59 ? 1  ARG B NH1 1 
ATOM   283 N NH2 . ARG B 1 2  ? 18.421  11.785  2.540   1.00 51.16 ? 1  ARG B NH2 1 
ATOM   284 N N   . MET B 1 3  ? 12.733  16.928  0.758   1.00 47.15 ? 2  MET B N   1 
ATOM   285 C CA  . MET B 1 3  ? 11.629  17.165  1.655   1.00 47.15 ? 2  MET B CA  1 
ATOM   286 C C   . MET B 1 3  ? 10.292  17.065  0.918   1.00 46.38 ? 2  MET B C   1 
ATOM   287 O O   . MET B 1 3  ? 9.324   16.696  1.506   1.00 45.36 ? 2  MET B O   1 
ATOM   288 C CB  . MET B 1 3  ? 11.740  18.552  2.241   1.00 47.49 ? 2  MET B CB  1 
ATOM   289 C CG  . MET B 1 3  ? 10.836  18.783  3.420   1.00 48.68 ? 2  MET B CG  1 
ATOM   290 S SD  . MET B 1 3  ? 11.162  17.563  4.662   1.00 52.19 ? 2  MET B SD  1 
ATOM   291 C CE  . MET B 1 3  ? 12.809  18.003  5.188   1.00 51.59 ? 2  MET B CE  1 
ATOM   292 N N   . LYS B 1 4  ? 10.282  17.431  -0.358  1.00 46.17 ? 3  LYS B N   1 
ATOM   293 C CA  . LYS B 1 4  ? 9.091   17.437  -1.196  1.00 46.32 ? 3  LYS B CA  1 
ATOM   294 C C   . LYS B 1 4  ? 8.730   16.053  -1.674  1.00 45.34 ? 3  LYS B C   1 
ATOM   295 O O   . LYS B 1 4  ? 7.572   15.704  -1.757  1.00 45.84 ? 3  LYS B O   1 
ATOM   296 C CB  . LYS B 1 4  ? 9.318   18.347  -2.417  1.00 46.76 ? 3  LYS B CB  1 
ATOM   297 C CG  . LYS B 1 4  ? 8.314   18.149  -3.559  1.00 46.45 ? 3  LYS B CG  1 
ATOM   298 C CD  . LYS B 1 4  ? 7.972   19.447  -4.282  1.00 48.08 ? 3  LYS B CD  1 
ATOM   299 C CE  . LYS B 1 4  ? 6.984   19.212  -5.440  1.00 50.27 ? 3  LYS B CE  1 
ATOM   300 N NZ  . LYS B 1 4  ? 5.709   18.522  -5.004  1.00 53.23 ? 3  LYS B NZ  1 
ATOM   301 N N   . GLN B 1 5  ? 9.747   15.290  -2.024  1.00 44.58 ? 4  GLN B N   1 
ATOM   302 C CA  . GLN B 1 5  ? 9.633   13.890  -2.334  1.00 44.38 ? 4  GLN B CA  1 
ATOM   303 C C   . GLN B 1 5  ? 8.996   13.115  -1.221  1.00 42.76 ? 4  GLN B C   1 
ATOM   304 O O   . GLN B 1 5  ? 8.407   12.111  -1.459  1.00 43.45 ? 4  GLN B O   1 
ATOM   305 C CB  . GLN B 1 5  ? 11.020  13.319  -2.524  1.00 45.34 ? 4  GLN B CB  1 
ATOM   306 C CG  . GLN B 1 5  ? 11.114  12.181  -3.456  1.00 48.81 ? 4  GLN B CG  1 
ATOM   307 C CD  . GLN B 1 5  ? 12.353  11.397  -3.169  1.00 55.60 ? 4  GLN B CD  1 
ATOM   308 O OE1 . GLN B 1 5  ? 12.275  10.274  -2.635  1.00 59.55 ? 4  GLN B OE1 1 
ATOM   309 N NE2 . GLN B 1 5  ? 13.522  12.007  -3.441  1.00 59.08 ? 4  GLN B NE2 1 
ATOM   310 N N   . ILE B 1 6  ? 9.171   13.580  -0.001  1.00 41.15 ? 5  ILE B N   1 
ATOM   311 C CA  . ILE B 1 6  ? 8.644   12.956  1.193   1.00 39.78 ? 5  ILE B CA  1 
ATOM   312 C C   . ILE B 1 6  ? 7.185   13.287  1.392   1.00 39.07 ? 5  ILE B C   1 
ATOM   313 O O   . ILE B 1 6  ? 6.368   12.417  1.630   1.00 39.46 ? 5  ILE B O   1 
ATOM   314 C CB  . ILE B 1 6  ? 9.467   13.434  2.367   1.00 39.13 ? 5  ILE B CB  1 
ATOM   315 C CG1 . ILE B 1 6  ? 10.694  12.544  2.443   1.00 39.69 ? 5  ILE B CG1 1 
ATOM   316 C CG2 . ILE B 1 6  ? 8.668   13.441  3.654   1.00 38.78 ? 5  ILE B CG2 1 
ATOM   317 C CD1 . ILE B 1 6  ? 11.729  13.027  3.380   1.00 38.27 ? 5  ILE B CD1 1 
ATOM   318 N N   . GLU B 1 7  ? 6.893   14.573  1.302   1.00 38.18 ? 6  GLU B N   1 
ATOM   319 C CA  . GLU B 1 7  ? 5.532   15.123  1.252   1.00 37.01 ? 6  GLU B CA  1 
ATOM   320 C C   . GLU B 1 7  ? 4.685   14.382  0.266   1.00 34.56 ? 6  GLU B C   1 
ATOM   321 O O   . GLU B 1 7  ? 3.642   13.860  0.605   1.00 33.01 ? 6  GLU B O   1 
ATOM   322 C CB  . GLU B 1 7  ? 5.596   16.605  0.838   1.00 37.12 ? 6  GLU B CB  1 
ATOM   323 C CG  . GLU B 1 7  ? 6.648   17.391  1.603   1.00 39.05 ? 6  GLU B CG  1 
ATOM   324 C CD  . GLU B 1 7  ? 6.639   18.886  1.347   1.00 40.73 ? 6  GLU B CD  1 
ATOM   325 O OE1 . GLU B 1 7  ? 6.933   19.325  0.204   1.00 47.14 ? 6  GLU B OE1 1 
ATOM   326 O OE2 . GLU B 1 7  ? 6.364   19.624  2.318   1.00 44.45 ? 6  GLU B OE2 1 
ATOM   327 N N   . ASP B 1 8  ? 5.157   14.362  -0.969  1.00 32.83 ? 7  ASP B N   1 
ATOM   328 C CA  . ASP B 1 8  ? 4.509   13.687  -2.061  1.00 31.96 ? 7  ASP B CA  1 
ATOM   329 C C   . ASP B 1 8  ? 4.347   12.208  -1.934  1.00 31.41 ? 7  ASP B C   1 
ATOM   330 O O   . ASP B 1 8  ? 3.414   11.679  -2.496  1.00 32.47 ? 7  ASP B O   1 
ATOM   331 C CB  . ASP B 1 8  ? 5.273   13.926  -3.370  1.00 32.28 ? 7  ASP B CB  1 
ATOM   332 C CG  . ASP B 1 8  ? 5.155   15.376  -3.885  1.00 34.49 ? 7  ASP B CG  1 
ATOM   333 O OD1 . ASP B 1 8  ? 4.397   16.203  -3.287  1.00 34.64 ? 7  ASP B OD1 1 
ATOM   334 O OD2 . ASP B 1 8  ? 5.776   15.744  -4.904  1.00 38.05 ? 7  ASP B OD2 1 
ATOM   335 N N   . LYS B 1 9  ? 5.270   11.518  -1.281  1.00 30.99 ? 8  LYS B N   1 
ATOM   336 C CA  . LYS B 1 9  ? 5.134   10.060  -1.090  1.00 29.78 ? 8  LYS B CA  1 
ATOM   337 C C   . LYS B 1 9  ? 4.173   9.765   0.022   1.00 27.92 ? 8  LYS B C   1 
ATOM   338 O O   . LYS B 1 9  ? 3.485   8.767   -0.019  1.00 28.49 ? 8  LYS B O   1 
ATOM   339 C CB  . LYS B 1 9  ? 6.477   9.408   -0.840  1.00 30.19 ? 8  LYS B CB  1 
ATOM   340 C CG  . LYS B 1 9  ? 7.123   8.920   -2.125  1.00 31.34 ? 8  LYS B CG  1 
ATOM   341 C CD  . LYS B 1 9  ? 8.588   8.668   -1.978  1.00 32.25 ? 8  LYS B CD  1 
ATOM   342 C CE  . LYS B 1 9  ? 9.244   8.380   -3.334  1.00 32.94 ? 8  LYS B CE  1 
ATOM   343 N NZ  . LYS B 1 9  ? 8.892   7.018   -3.818  1.00 34.97 ? 8  LYS B NZ  1 
ATOM   344 N N   . LEU B 1 10 ? 4.110   10.641  1.004   1.00 26.56 ? 9  LEU B N   1 
ATOM   345 C CA  . LEU B 1 10 ? 3.027   10.599  2.017   1.00 26.59 ? 9  LEU B CA  1 
ATOM   346 C C   . LEU B 1 10 ? 1.635   10.835  1.461   1.00 25.80 ? 9  LEU B C   1 
ATOM   347 O O   . LEU B 1 10 ? 0.690   10.205  1.872   1.00 26.10 ? 9  LEU B O   1 
ATOM   348 C CB  . LEU B 1 10 ? 3.300   11.587  3.146   1.00 26.43 ? 9  LEU B CB  1 
ATOM   349 C CG  . LEU B 1 10 ? 4.281   11.224  4.265   1.00 27.54 ? 9  LEU B CG  1 
ATOM   350 C CD1 . LEU B 1 10 ? 4.614   12.475  5.041   1.00 26.86 ? 9  LEU B CD1 1 
ATOM   351 C CD2 . LEU B 1 10 ? 3.716   10.291  5.178   1.00 26.44 ? 9  LEU B CD2 1 
ATOM   352 N N   . GLU B 1 11 ? 1.481   11.723  0.502   1.00 28.25 ? 10 GLU B N   1 
ATOM   353 C CA  . GLU B 1 11 ? 0.159   11.855  -0.202  1.00 28.02 ? 10 GLU B CA  1 
ATOM   354 C C   . GLU B 1 11 ? -0.218  10.644  -1.028  1.00 27.47 ? 10 GLU B C   1 
ATOM   355 O O   . GLU B 1 11 ? -1.382  10.217  -1.137  1.00 26.56 ? 10 GLU B O   1 
ATOM   356 C CB  . GLU B 1 11 ? 0.171   13.084  -1.099  1.00 28.93 ? 10 GLU B CB  1 
ATOM   357 C CG  . GLU B 1 11 ? -1.190  13.337  -1.752  1.00 30.85 ? 10 GLU B CG  1 
ATOM   358 C CD  . GLU B 1 11 ? -2.306  13.577  -0.766  1.00 33.09 ? 10 GLU B CD  1 
ATOM   359 O OE1 . GLU B 1 11 ? -2.094  14.304  0.201   1.00 37.10 ? 10 GLU B OE1 1 
ATOM   360 O OE2 . GLU B 1 11 ? -3.412  13.049  -0.966  1.00 40.17 ? 10 GLU B OE2 1 
ATOM   361 N N   . GLU B 1 12 ? 0.796   10.094  -1.663  1.00 28.58 ? 11 GLU B N   1 
ATOM   362 C CA  . GLU B 1 12 ? 0.658   8.891   -2.426  1.00 28.50 ? 11 GLU B CA  1 
ATOM   363 C C   . GLU B 1 12 ? 0.201   7.721   -1.604  1.00 28.20 ? 11 GLU B C   1 
ATOM   364 O O   . GLU B 1 12 ? -0.630  6.956   -2.030  1.00 29.67 ? 11 GLU B O   1 
ATOM   365 C CB  . GLU B 1 12 ? 2.003   8.578   -3.056  1.00 29.12 ? 11 GLU B CB  1 
ATOM   366 C CG  . GLU B 1 12 ? 2.115   7.217   -3.701  1.00 29.31 ? 11 GLU B CG  1 
ATOM   367 C CD  . GLU B 1 12 ? 3.414   7.065   -4.472  1.00 29.25 ? 11 GLU B CD  1 
ATOM   368 O OE1 . GLU B 1 12 ? 3.500   6.129   -5.240  1.00 33.24 ? 11 GLU B OE1 1 
ATOM   369 O OE2 . GLU B 1 12 ? 4.338   7.883   -4.354  1.00 31.90 ? 11 GLU B OE2 1 
ATOM   370 N N   . ILE B 1 13 ? 0.793   7.554   -0.447  1.00 29.07 ? 12 ILE B N   1 
ATOM   371 C CA  . ILE B 1 13 ? 0.386   6.562   0.582   1.00 28.13 ? 12 ILE B CA  1 
ATOM   372 C C   . ILE B 1 13 ? -1.060  6.721   1.004   1.00 29.17 ? 12 ILE B C   1 
ATOM   373 O O   . ILE B 1 13 ? -1.791  5.767   1.049   1.00 30.35 ? 12 ILE B O   1 
ATOM   374 C CB  . ILE B 1 13 ? 1.343   6.696   1.796   1.00 27.83 ? 12 ILE B CB  1 
ATOM   375 C CG1 . ILE B 1 13 ? 2.705   6.107   1.444   1.00 27.52 ? 12 ILE B CG1 1 
ATOM   376 C CG2 . ILE B 1 13 ? 0.766   6.112   3.104   1.00 25.15 ? 12 ILE B CG2 1 
ATOM   377 C CD1 . ILE B 1 13 ? 3.692   6.301   2.472   1.00 28.03 ? 12 ILE B CD1 1 
ATOM   378 N N   . LEU B 1 14 ? -1.471  7.935   1.324   1.00 30.56 ? 13 LEU B N   1 
ATOM   379 C CA  . LEU B 1 14 ? -2.900  8.260   1.587   1.00 30.38 ? 13 LEU B CA  1 
ATOM   380 C C   . LEU B 1 14 ? -3.819  7.989   0.382   1.00 31.12 ? 13 LEU B C   1 
ATOM   381 O O   . LEU B 1 14 ? -4.908  7.417   0.511   1.00 31.38 ? 13 LEU B O   1 
ATOM   382 C CB  . LEU B 1 14 ? -2.971  9.713   1.956   1.00 30.60 ? 13 LEU B CB  1 
ATOM   383 C CG  . LEU B 1 14 ? -4.269  10.248  2.523   1.00 31.49 ? 13 LEU B CG  1 
ATOM   384 C CD1 . LEU B 1 14 ? -4.734  9.393   3.651   1.00 32.98 ? 13 LEU B CD1 1 
ATOM   385 C CD2 . LEU B 1 14 ? -4.042  11.625  2.999   1.00 32.28 ? 13 LEU B CD2 1 
ATOM   386 N N   . SER B 1 15 ? -3.379  8.346   -0.815  1.00 31.24 ? 14 SER B N   1 
ATOM   387 C CA  . SER B 1 15 ? -4.168  8.009   -1.960  1.00 31.68 ? 14 SER B CA  1 
ATOM   388 C C   . SER B 1 15 ? -4.288  6.492   -2.139  1.00 31.37 ? 14 SER B C   1 
ATOM   389 O O   . SER B 1 15 ? -5.354  6.003   -2.469  1.00 32.08 ? 14 SER B O   1 
ATOM   390 C CB  . SER B 1 15 ? -3.606  8.611   -3.215  1.00 32.49 ? 14 SER B CB  1 
ATOM   391 O OG  . SER B 1 15 ? -4.591  8.540   -4.238  1.00 35.69 ? 14 SER B OG  1 
ATOM   392 N N   . LYS B 1 16 ? -3.199  5.756   -1.966  1.00 31.03 ? 15 LYS B N   1 
ATOM   393 C CA  . LYS B 1 16 ? -3.235  4.299   -2.075  1.00 29.79 ? 15 LYS B CA  1 
ATOM   394 C C   . LYS B 1 16 ? -4.120  3.741   -1.008  1.00 28.95 ? 15 LYS B C   1 
ATOM   395 O O   . LYS B 1 16 ? -4.907  2.915   -1.300  1.00 29.22 ? 15 LYS B O   1 
ATOM   396 C CB  . LYS B 1 16 ? -1.844  3.669   -2.079  1.00 29.89 ? 15 LYS B CB  1 
ATOM   397 C CG  . LYS B 1 16 ? -1.188  3.843   -3.413  1.00 30.16 ? 15 LYS B CG  1 
ATOM   398 C CD  . LYS B 1 16 ? 0.221   3.279   -3.527  1.00 31.97 ? 15 LYS B CD  1 
ATOM   399 C CE  . LYS B 1 16 ? 0.664   3.134   -5.020  1.00 31.81 ? 15 LYS B CE  1 
ATOM   400 N NZ  . LYS B 1 16 ? 1.015   4.426   -5.672  1.00 36.80 ? 15 LYS B NZ  1 
ATOM   401 N N   . LEU B 1 17 ? -4.097  4.269   0.200   1.00 29.09 ? 16 LEU B N   1 
ATOM   402 C CA  . LEU B 1 17 ? -5.051  3.831   1.204   1.00 30.04 ? 16 LEU B CA  1 
ATOM   403 C C   . LEU B 1 17 ? -6.497  4.045   0.874   1.00 30.40 ? 16 LEU B C   1 
ATOM   404 O O   . LEU B 1 17 ? -7.354  3.224   1.210   1.00 29.18 ? 16 LEU B O   1 
ATOM   405 C CB  . LEU B 1 17 ? -4.808  4.551   2.510   1.00 30.67 ? 16 LEU B CB  1 
ATOM   406 C CG  . LEU B 1 17 ? -3.624  4.118   3.369   1.00 31.84 ? 16 LEU B CG  1 
ATOM   407 C CD1 . LEU B 1 17 ? -3.450  5.134   4.457   1.00 32.23 ? 16 LEU B CD1 1 
ATOM   408 C CD2 . LEU B 1 17 ? -3.865  2.747   4.003   1.00 33.05 ? 16 LEU B CD2 1 
ATOM   409 N N   . TYR B 1 18 ? -6.799  5.212   0.329   1.00 31.20 ? 17 TYR B N   1 
ATOM   410 C CA  . TYR B 1 18 ? -8.175  5.558   0.020   1.00 31.37 ? 17 TYR B CA  1 
ATOM   411 C C   . TYR B 1 18 ? -8.761  4.610   -1.006  1.00 33.08 ? 17 TYR B C   1 
ATOM   412 O O   . TYR B 1 18 ? -9.933  4.279   -0.940  1.00 32.54 ? 17 TYR B O   1 
ATOM   413 C CB  . TYR B 1 18 ? -8.265  6.971   -0.546  1.00 31.13 ? 17 TYR B CB  1 
ATOM   414 C CG  . TYR B 1 18 ? -8.586  7.966   0.491   1.00 28.25 ? 17 TYR B CG  1 
ATOM   415 C CD1 . TYR B 1 18 ? -9.894  8.166   0.871   1.00 28.85 ? 17 TYR B CD1 1 
ATOM   416 C CD2 . TYR B 1 18 ? -7.615  8.726   1.071   1.00 27.72 ? 17 TYR B CD2 1 
ATOM   417 C CE1 . TYR B 1 18 ? -10.234 9.072   1.815   1.00 27.90 ? 17 TYR B CE1 1 
ATOM   418 C CE2 . TYR B 1 18 ? -7.944  9.647   2.056   1.00 30.65 ? 17 TYR B CE2 1 
ATOM   419 C CZ  . TYR B 1 18 ? -9.284  9.818   2.395   1.00 29.04 ? 17 TYR B CZ  1 
ATOM   420 O OH  . TYR B 1 18 ? -9.663  10.704  3.343   1.00 27.14 ? 17 TYR B OH  1 
ATOM   421 N N   . HIS B 1 19 ? -7.931  4.240   -1.972  1.00 35.19 ? 18 HIS B N   1 
ATOM   422 C CA  . HIS B 1 19 ? -8.268  3.255   -2.989  1.00 37.45 ? 18 HIS B CA  1 
ATOM   423 C C   . HIS B 1 19 ? -8.369  1.856   -2.394  1.00 37.73 ? 18 HIS B C   1 
ATOM   424 O O   . HIS B 1 19 ? -9.343  1.169   -2.580  1.00 37.43 ? 18 HIS B O   1 
ATOM   425 C CB  . HIS B 1 19 ? -7.253  3.299   -4.132  1.00 37.96 ? 18 HIS B CB  1 
ATOM   426 C CG  . HIS B 1 19 ? -7.420  2.204   -5.152  1.00 43.94 ? 18 HIS B CG  1 
ATOM   427 N ND1 . HIS B 1 19 ? -6.855  2.272   -6.411  1.00 46.57 ? 18 HIS B ND1 1 
ATOM   428 C CD2 . HIS B 1 19 ? -8.075  1.012   -5.107  1.00 47.66 ? 18 HIS B CD2 1 
ATOM   429 C CE1 . HIS B 1 19 ? -7.141  1.171   -7.086  1.00 45.54 ? 18 HIS B CE1 1 
ATOM   430 N NE2 . HIS B 1 19 ? -7.891  0.399   -6.323  1.00 46.26 ? 18 HIS B NE2 1 
ATOM   431 N N   . ILE B 1 20 ? -7.379  1.409   -1.655  1.00 38.36 ? 19 ILE B N   1 
ATOM   432 C CA  . ILE B 1 20 ? -7.585  0.167   -0.965  1.00 39.04 ? 19 ILE B CA  1 
ATOM   433 C C   . ILE B 1 20 ? -9.014  0.180   -0.380  1.00 39.61 ? 19 ILE B C   1 
ATOM   434 O O   . ILE B 1 20 ? -9.770  -0.745  -0.619  1.00 39.31 ? 19 ILE B O   1 
ATOM   435 C CB  . ILE B 1 20 ? -6.505  -0.065  0.122   1.00 38.30 ? 19 ILE B CB  1 
ATOM   436 C CG1 . ILE B 1 20 ? -5.190  -0.518  -0.524  1.00 37.24 ? 19 ILE B CG1 1 
ATOM   437 C CG2 . ILE B 1 20 ? -7.003  -1.061  1.107   1.00 39.80 ? 19 ILE B CG2 1 
ATOM   438 C CD1 . ILE B 1 20 ? -4.038  -0.586  0.439   1.00 37.70 ? 19 ILE B CD1 1 
ATOM   439 N N   . GLU B 1 21 ? -9.384  1.248   0.331   1.00 40.65 ? 20 GLU B N   1 
ATOM   440 C CA  . GLU B 1 21 ? -10.641 1.288   1.123   1.00 41.96 ? 20 GLU B CA  1 
ATOM   441 C C   . GLU B 1 21 ? -11.936 1.207   0.297   1.00 43.25 ? 20 GLU B C   1 
ATOM   442 O O   . GLU B 1 21 ? -12.928 0.618   0.717   1.00 43.81 ? 20 GLU B O   1 
ATOM   443 C CB  . GLU B 1 21 ? -10.698 2.541   2.006   1.00 41.78 ? 20 GLU B CB  1 
ATOM   444 C CG  . GLU B 1 21 ? -11.748 2.432   3.101   1.00 43.03 ? 20 GLU B CG  1 
ATOM   445 C CD  . GLU B 1 21 ? -12.068 3.733   3.789   1.00 44.20 ? 20 GLU B CD  1 
ATOM   446 O OE1 . GLU B 1 21 ? -11.768 4.840   3.239   1.00 47.96 ? 20 GLU B OE1 1 
ATOM   447 O OE2 . GLU B 1 21 ? -12.658 3.628   4.892   1.00 48.36 ? 20 GLU B OE2 1 
ATOM   448 N N   . ASN B 1 22 ? -11.894 1.805   -0.880  1.00 45.06 ? 21 ASN B N   1 
ATOM   449 C CA  . ASN B 1 22 ? -13.021 1.883   -1.801  1.00 46.04 ? 21 ASN B CA  1 
ATOM   450 C C   . ASN B 1 22 ? -12.580 1.043   -2.994  1.00 46.65 ? 21 ASN B C   1 
ATOM   451 O O   . ASN B 1 22 ? -12.054 1.543   -4.010  1.00 48.83 ? 21 ASN B O   1 
ATOM   452 C CB  . ASN B 1 22 ? -13.242 3.368   -2.074  1.00 45.55 ? 21 ASN B CB  1 
ATOM   453 C CG  . ASN B 1 22 ? -13.461 4.144   -0.764  1.00 46.64 ? 21 ASN B CG  1 
ATOM   454 O OD1 . ASN B 1 22 ? -14.470 3.901   -0.095  1.00 45.66 ? 21 ASN B OD1 1 
ATOM   455 N ND2 . ASN B 1 22 ? -12.483 5.003   -0.343  1.00 44.61 ? 21 ASN B ND2 1 
HETATM 456 O O   . TA4 B 1 23 ? -10.063 -6.048  -4.614  1.00 46.23 ? 22 TA4 B O   1 
HETATM 457 C C   . TA4 B 1 23 ? -8.960  -5.593  -4.311  1.00 45.82 ? 22 TA4 B C   1 
HETATM 458 C CA  . TA4 B 1 23 ? -8.786  -4.758  -3.052  1.00 46.19 ? 22 TA4 B CA  1 
HETATM 459 C CB  . TA4 B 1 23 ? -8.825  -5.624  -1.745  1.00 46.31 ? 22 TA4 B CB  1 
HETATM 460 C CG  . TA4 B 1 23 ? -7.699  -5.514  -0.686  1.00 46.25 ? 22 TA4 B CG  1 
HETATM 461 C CD2 . TA4 B 1 23 ? -7.100  -4.140  -0.468  1.00 45.12 ? 22 TA4 B CD2 1 
HETATM 462 C CD1 . TA4 B 1 23 ? -8.150  -6.014  0.681   1.00 47.76 ? 22 TA4 B CD1 1 
HETATM 463 N NT1 . TA4 B 1 23 ? -9.868  -3.753  -3.083  1.00 45.47 ? 22 TA4 B NT1 1 
HETATM 464 C CT5 . TA4 B 1 23 ? -9.978  -2.600  -3.754  1.00 46.24 ? 22 TA4 B CT5 1 
HETATM 465 C CT4 . TA4 B 1 23 ? -11.183 -2.055  -3.400  1.00 46.17 ? 22 TA4 B CT4 1 
HETATM 466 N NT3 . TA4 B 1 23 ? -11.756 -2.887  -2.532  1.00 45.63 ? 22 TA4 B NT3 1 
HETATM 467 N NT2 . TA4 B 1 23 ? -10.969 -3.910  -2.347  1.00 44.48 ? 22 TA4 B NT2 1 
HETATM 468 C CT6 . TA4 B 1 23 ? -11.864 -0.762  -3.827  1.00 46.10 ? 22 TA4 B CT6 1 
HETATM 469 N N   . TA4 B 1 23 ? -12.871 -0.240  -2.857  1.00 46.85 ? 22 TA4 B N   1 
ATOM   470 N N   . ALA B 1 24 ? -7.893  -5.812  -5.056  1.00 45.20 ? 23 ALA B N   1 
ATOM   471 C CA  . ALA B 1 24 ? -8.008  -6.578  -6.286  1.00 44.87 ? 23 ALA B CA  1 
ATOM   472 C C   . ALA B 1 24 ? -8.782  -7.900  -6.108  1.00 45.26 ? 23 ALA B C   1 
ATOM   473 O O   . ALA B 1 24 ? -9.650  -8.235  -6.907  1.00 44.95 ? 23 ALA B O   1 
ATOM   474 C CB  . ALA B 1 24 ? -6.654  -6.845  -6.839  1.00 44.32 ? 23 ALA B CB  1 
ATOM   475 N N   . ARG B 1 25 ? -8.467  -8.646  -5.062  1.00 46.09 ? 24 ARG B N   1 
ATOM   476 C CA  . ARG B 1 25 ? -9.052  -9.960  -4.872  1.00 46.74 ? 24 ARG B CA  1 
ATOM   477 C C   . ARG B 1 25 ? -10.493 -9.930  -4.429  1.00 46.40 ? 24 ARG B C   1 
ATOM   478 O O   . ARG B 1 25 ? -11.242 -10.862 -4.690  1.00 46.39 ? 24 ARG B O   1 
ATOM   479 C CB  . ARG B 1 25 ? -8.217  -10.795 -3.892  1.00 47.53 ? 24 ARG B CB  1 
ATOM   480 C CG  . ARG B 1 25 ? -7.169  -11.686 -4.570  1.00 50.98 ? 24 ARG B CG  1 
ATOM   481 C CD  . ARG B 1 25 ? -7.639  -12.472 -5.878  1.00 55.43 ? 24 ARG B CD  1 
ATOM   482 N NE  . ARG B 1 25 ? -8.627  -13.579 -5.716  1.00 58.65 ? 24 ARG B NE  1 
ATOM   483 C CZ  . ARG B 1 25 ? -9.916  -13.589 -6.140  1.00 60.79 ? 24 ARG B CZ  1 
ATOM   484 N NH1 . ARG B 1 25 ? -10.468 -12.520 -6.641  1.00 62.41 ? 24 ARG B NH1 1 
ATOM   485 N NH2 . ARG B 1 25 ? -10.690 -14.673 -6.008  1.00 62.98 ? 24 ARG B NH2 1 
ATOM   486 N N   . ILE B 1 26 ? -10.880 -8.869  -3.743  1.00 46.23 ? 25 ILE B N   1 
ATOM   487 C CA  . ILE B 1 26 ? -12.269 -8.666  -3.354  1.00 46.39 ? 25 ILE B CA  1 
ATOM   488 C C   . ILE B 1 26 ? -13.107 -8.243  -4.540  1.00 46.88 ? 25 ILE B C   1 
ATOM   489 O O   . ILE B 1 26 ? -14.225 -8.666  -4.677  1.00 46.72 ? 25 ILE B O   1 
ATOM   490 C CB  . ILE B 1 26 ? -12.385 -7.583  -2.277  1.00 46.15 ? 25 ILE B CB  1 
ATOM   491 C CG1 . ILE B 1 26 ? -11.526 -7.951  -1.070  1.00 46.49 ? 25 ILE B CG1 1 
ATOM   492 C CG2 . ILE B 1 26 ? -13.829 -7.410  -1.870  1.00 45.88 ? 25 ILE B CG2 1 
ATOM   493 C CD1 . ILE B 1 26 ? -12.040 -7.427  0.236   1.00 44.80 ? 25 ILE B CD1 1 
ATOM   494 N N   . LYS B 1 27 ? -12.561 -7.374  -5.372  1.00 47.71 ? 26 LYS B N   1 
ATOM   495 C CA  . LYS B 1 27 ? -13.260 -6.864  -6.527  1.00 48.54 ? 26 LYS B CA  1 
ATOM   496 C C   . LYS B 1 27 ? -13.527 -8.019  -7.500  1.00 49.41 ? 26 LYS B C   1 
ATOM   497 O O   . LYS B 1 27 ? -14.604 -8.120  -8.104  1.00 49.73 ? 26 LYS B O   1 
ATOM   498 C CB  . LYS B 1 27 ? -12.446 -5.718  -7.183  1.00 48.47 ? 26 LYS B CB  1 
ATOM   499 C CG  . LYS B 1 27 ? -12.559 -4.364  -6.450  1.00 48.40 ? 26 LYS B CG  1 
ATOM   500 C CD  . LYS B 1 27 ? -12.532 -3.132  -7.381  1.00 49.06 ? 26 LYS B CD  1 
ATOM   501 C CE  . LYS B 1 27 ? -11.146 -2.829  -7.994  1.00 50.77 ? 26 LYS B CE  1 
ATOM   502 N NZ  . LYS B 1 27 ? -10.844 -1.327  -8.169  1.00 50.76 ? 26 LYS B NZ  1 
ATOM   503 N N   . LYS B 1 28 ? -12.543 -8.905  -7.608  1.00 50.71 ? 27 LYS B N   1 
ATOM   504 C CA  . LYS B 1 28 ? -12.648 -10.101 -8.430  1.00 51.35 ? 27 LYS B CA  1 
ATOM   505 C C   . LYS B 1 28 ? -13.670 -11.122 -7.839  1.00 51.30 ? 27 LYS B C   1 
ATOM   506 O O   . LYS B 1 28 ? -14.661 -11.403 -8.498  1.00 51.81 ? 27 LYS B O   1 
ATOM   507 C CB  . LYS B 1 28 ? -11.246 -10.679 -8.724  1.00 51.39 ? 27 LYS B CB  1 
ATOM   508 C CG  . LYS B 1 28 ? -11.249 -11.997 -9.522  1.00 52.20 ? 27 LYS B CG  1 
ATOM   509 C CD  . LYS B 1 28 ? -9.863  -12.436 -9.996  1.00 52.86 ? 27 LYS B CD  1 
ATOM   510 C CE  . LYS B 1 28 ? -9.366  -13.705 -9.312  1.00 54.08 ? 27 LYS B CE  1 
ATOM   511 N NZ  . LYS B 1 28 ? -8.390  -14.424 -10.185 1.00 55.50 ? 27 LYS B NZ  1 
ATOM   512 N N   . LEU B 1 29 ? -13.480 -11.606 -6.609  1.00 51.18 ? 28 LEU B N   1 
ATOM   513 C CA  . LEU B 1 29 ? -14.502 -12.401 -5.880  1.00 50.78 ? 28 LEU B CA  1 
ATOM   514 C C   . LEU B 1 29 ? -15.964 -11.935 -6.129  1.00 50.84 ? 28 LEU B C   1 
ATOM   515 O O   . LEU B 1 29 ? -16.872 -12.723 -6.453  1.00 49.94 ? 28 LEU B O   1 
ATOM   516 C CB  . LEU B 1 29 ? -14.187 -12.319 -4.387  1.00 50.64 ? 28 LEU B CB  1 
ATOM   517 C CG  . LEU B 1 29 ? -15.155 -12.973 -3.417  1.00 50.99 ? 28 LEU B CG  1 
ATOM   518 C CD1 . LEU B 1 29 ? -15.499 -14.389 -3.863  1.00 51.08 ? 28 LEU B CD1 1 
ATOM   519 C CD2 . LEU B 1 29 ? -14.563 -12.954 -1.994  1.00 50.61 ? 28 LEU B CD2 1 
ATOM   520 N N   . LEU B 1 30 ? -16.169 -10.633 -5.977  1.00 50.47 ? 29 LEU B N   1 
ATOM   521 C CA  . LEU B 1 30 ? -17.420 -9.987  -6.340  1.00 50.33 ? 29 LEU B CA  1 
ATOM   522 C C   . LEU B 1 30 ? -17.425 -9.602  -7.811  1.00 50.06 ? 29 LEU B C   1 
ATOM   523 O O   . LEU B 1 30 ? -18.389 -9.010  -8.274  1.00 50.38 ? 29 LEU B O   1 
ATOM   524 C CB  . LEU B 1 30 ? -17.618 -8.742  -5.479  1.00 50.12 ? 29 LEU B CB  1 
ATOM   525 C CG  . LEU B 1 30 ? -18.038 -8.955  -4.021  1.00 49.88 ? 29 LEU B CG  1 
ATOM   526 C CD1 . LEU B 1 30 ? -17.770 -10.349 -3.513  1.00 49.31 ? 29 LEU B CD1 1 
ATOM   527 C CD2 . LEU B 1 30 ? -17.380 -7.914  -3.114  1.00 48.68 ? 29 LEU B CD2 1 
HETATM 528 O O   . HOH C 2 .  ? -6.428  -7.968  -3.422  1.00 53.32 ? 33 HOH A O   1 
HETATM 529 O O   . HOH C 2 .  ? -10.938 -21.249 -1.300  1.00 52.98 ? 34 HOH A O   1 
HETATM 530 O O   . HOH C 2 .  ? 2.565   0.890   -4.121  1.00 49.59 ? 35 HOH A O   1 
HETATM 531 O O   . HOH C 2 .  ? -8.910  -22.892 -1.626  1.00 55.06 ? 36 HOH A O   1 
HETATM 532 O O   . HOH C 2 .  ? 10.046  -2.851  6.162   0.50 36.00 ? 37 HOH A O   1 
HETATM 533 O O   . HOH C 2 .  ? -4.287  -9.123  -7.502  1.00 56.97 ? 38 HOH A O   1 
HETATM 534 O O   . HOH C 2 .  ? 11.372  7.718   0.145   1.00 39.64 ? 39 HOH A O   1 
HETATM 535 O O   . HOH C 2 .  ? 18.230  5.616   10.792  1.00 55.05 ? 40 HOH A O   1 
HETATM 536 O O   . HOH C 2 .  ? 14.260  -0.927  3.426   0.50 50.97 ? 41 HOH A O   1 
HETATM 537 O O   . HOH C 2 .  ? 12.963  0.184   1.097   1.00 46.01 ? 42 HOH A O   1 
HETATM 538 O O   . HOH C 2 .  ? 14.086  2.727   7.615   1.00 57.25 ? 43 HOH A O   1 
HETATM 539 O O   . HOH C 2 .  ? 7.538   -3.646  2.876   1.00 27.70 ? 44 HOH A O   1 
HETATM 540 O O   . HOH C 2 .  ? 8.788   1.282   -2.820  1.00 29.00 ? 45 HOH A O   1 
HETATM 541 O O   . HOH C 2 .  ? -10.386 -19.650 5.254   1.00 56.34 ? 46 HOH A O   1 
HETATM 542 O O   . HOH C 2 .  ? 0.581   0.117   -5.333  1.00 45.18 ? 47 HOH A O   1 
HETATM 543 O O   . HOH C 2 .  ? -10.814 -15.503 13.662  1.00 50.57 ? 48 HOH A O   1 
HETATM 544 O O   . HOH C 2 .  ? -8.987  -17.167 6.324   1.00 38.86 ? 49 HOH A O   1 
HETATM 545 O O   . HOH C 2 .  ? 14.059  -0.250  7.784   1.00 47.95 ? 50 HOH A O   1 
HETATM 546 O O   . HOH C 2 .  ? 3.843   -9.826  -0.127  1.00 44.70 ? 51 HOH A O   1 
HETATM 547 O O   . HOH C 2 .  ? -6.016  -17.559 8.804   1.00 53.10 ? 52 HOH A O   1 
HETATM 548 O O   . HOH C 2 .  ? -10.630 -19.047 7.998   1.00 54.13 ? 53 HOH A O   1 
HETATM 549 O O   . HOH C 2 .  ? -7.518  -15.599 12.864  1.00 73.07 ? 54 HOH A O   1 
HETATM 550 O O   . HOH C 2 .  ? 8.290   -6.030  -1.069  1.00 49.31 ? 55 HOH A O   1 
HETATM 551 O O   . HOH C 2 .  ? -5.955  -13.697 11.105  1.00 52.07 ? 56 HOH A O   1 
HETATM 552 O O   . HOH C 2 .  ? 17.462  2.930   6.059   1.00 62.53 ? 57 HOH A O   1 
HETATM 553 O O   . HOH C 2 .  ? 13.360  -0.577  10.033  1.00 38.52 ? 58 HOH A O   1 
HETATM 554 O O   . HOH C 2 .  ? 14.860  1.071   -0.274  1.00 51.94 ? 59 HOH A O   1 
HETATM 555 O O   . HOH D 2 .  ? -13.376 -1.896  -0.153  1.00 43.93 ? 33 HOH B O   1 
HETATM 556 O O   . HOH D 2 .  ? -0.180  16.484  0.145   1.00 38.65 ? 34 HOH B O   1 
HETATM 557 O O   . HOH D 2 .  ? -6.753  -2.748  -4.656  1.00 50.86 ? 35 HOH B O   1 
HETATM 558 O O   . HOH D 2 .  ? 5.518   20.050  -1.840  1.00 57.48 ? 36 HOH B O   1 
HETATM 559 O O   . HOH D 2 .  ? -18.929 -12.410 -7.757  1.00 43.98 ? 37 HOH B O   1 
HETATM 560 O O   . HOH D 2 .  ? -15.384 6.783   3.173   1.00 37.68 ? 38 HOH B O   1 
HETATM 561 O O   . HOH D 2 .  ? -15.497 4.477   1.913   1.00 33.72 ? 39 HOH B O   1 
HETATM 562 O O   . HOH D 2 .  ? 5.869   3.837   -5.522  1.00 53.92 ? 40 HOH B O   1 
HETATM 563 O O   . HOH D 2 .  ? 5.243   10.571  -4.653  1.00 46.51 ? 41 HOH B O   1 
HETATM 564 O O   . HOH D 2 .  ? 7.753   10.958  -5.265  1.00 44.62 ? 42 HOH B O   1 
HETATM 565 O O   . HOH D 2 .  ? 13.202  12.447  -0.270  1.00 45.11 ? 43 HOH B O   1 
HETATM 566 O O   . HOH D 2 .  ? 21.815  14.588  -0.333  1.00 58.87 ? 44 HOH B O   1 
HETATM 567 O O   . HOH D 2 .  ? -11.516 6.543   -3.049  1.00 42.64 ? 45 HOH B O   1 
HETATM 568 O O   . HOH D 2 .  ? -9.540  6.072   -4.854  0.50 51.77 ? 46 HOH B O   1 
HETATM 569 O O   . HOH D 2 .  ? -8.133  11.802  5.097   1.00 32.14 ? 47 HOH B O   1 
HETATM 570 O O   . HOH D 2 .  ? 2.747   19.598  -1.116  1.00 52.71 ? 48 HOH B O   1 
HETATM 571 O O   . HOH D 2 .  ? 1.409   15.566  -4.394  1.00 48.01 ? 49 HOH B O   1 
HETATM 572 O O   . HOH D 2 .  ? 2.306   15.731  -7.138  1.00 54.09 ? 50 HOH B O   1 
# 
